data_8UZZ
#
_entry.id   8UZZ
#
_cell.length_a   49.900
_cell.length_b   104.992
_cell.length_c   193.486
_cell.angle_alpha   90.00
_cell.angle_beta   90.00
_cell.angle_gamma   90.00
#
_symmetry.space_group_name_H-M   'P 21 21 21'
#
loop_
_entity.id
_entity.type
_entity.pdbx_description
1 polymer 'Tyrosyl-DNA phosphodiesterase 1'
2 non-polymer 1,2-ETHANEDIOL
3 non-polymer '(8M)-8-{2-[(fluorosulfonyl)oxy]phenyl}-4-oxo-1,4-dihydroquinoline-3-carboxylic acid'
4 non-polymer DI(HYDROXYETHYL)ETHER
5 non-polymer 'DIMETHYL SULFOXIDE'
6 water water
#
_entity_poly.entity_id   1
_entity_poly.type   'polypeptide(L)'
_entity_poly.pdbx_seq_one_letter_code
;SGEGQDIWDMLDKGNPFQFYLTRVSGVKPKYNSGALHIKDILSPLFGTLVSSAQFNYCFDVDWLVKQYPPEFRKKPILLV
HGDKREAKAHLHAQAKPYENISLCQAKLDIAFGTHHTKMMLLLYEEGLRVVIHTSNLIHADWHQKTQGIWLSPLYPRIAD
GTHKSGESPTHFKADLISYLMAYNAPSLKEWIDVIHKHDLSETNVYLIGSTPGRFQGSQKDNWGHFRLKKLLKDHASSMP
NAESWPVVGQFSSVGSLGADESKWLCSEFKESMLTLGKESKTPGKSSVPLYLIYPSVENVRTSLEGYPAGGSLPYSIQTA
EKQNWLHSYFHKWSAETSGRSNAMPHIKTYMRPSPDFSKIAWFLVTSANLSKAAWGALEKNGTQLMIRSYELGVLFLPSA
FGLDSFKVKQKFFAGSQEPMATFPVPYDLPPELYGSKDRPWIWNIPYVKAPDTHGNMWVPS
;
_entity_poly.pdbx_strand_id   A,B
#
# COMPACT_ATOMS: atom_id res chain seq x y z
N ASN A 15 -8.09 11.79 -19.02
CA ASN A 15 -7.09 10.75 -19.27
C ASN A 15 -6.02 10.69 -18.18
N PRO A 16 -6.37 10.19 -17.00
CA PRO A 16 -5.35 9.78 -16.04
C PRO A 16 -4.84 8.36 -16.26
N PHE A 17 -5.38 7.63 -17.25
CA PHE A 17 -5.05 6.22 -17.36
C PHE A 17 -3.77 5.97 -18.15
N GLN A 18 -3.47 6.81 -19.14
CA GLN A 18 -2.25 6.67 -19.95
C GLN A 18 -2.19 5.29 -20.59
N PHE A 19 -3.33 4.83 -21.06
CA PHE A 19 -3.44 3.58 -21.81
C PHE A 19 -3.61 3.93 -23.28
N TYR A 20 -2.75 3.38 -24.13
CA TYR A 20 -2.68 3.74 -25.54
C TYR A 20 -2.69 2.48 -26.40
N LEU A 21 -3.11 2.65 -27.64
CA LEU A 21 -2.91 1.62 -28.65
C LEU A 21 -1.77 2.07 -29.56
N THR A 22 -1.11 1.09 -30.21
CA THR A 22 -0.14 1.43 -31.24
C THR A 22 -0.85 1.95 -32.48
N ARG A 23 -0.12 2.74 -33.27
CA ARG A 23 -0.61 3.23 -34.55
C ARG A 23 -0.79 2.07 -35.53
N VAL A 24 -1.85 2.15 -36.34
CA VAL A 24 -2.16 1.14 -37.34
C VAL A 24 -2.09 1.81 -38.71
N SER A 25 -1.23 1.28 -39.57
N SER A 25 -1.23 1.29 -39.58
CA SER A 25 -1.15 1.80 -40.94
CA SER A 25 -1.14 1.80 -40.94
C SER A 25 -2.37 1.36 -41.73
C SER A 25 -2.36 1.36 -41.73
N GLY A 26 -3.11 2.32 -42.27
CA GLY A 26 -4.28 2.05 -43.09
C GLY A 26 -5.59 2.58 -42.53
N VAL A 27 -5.71 2.83 -41.24
CA VAL A 27 -6.95 3.40 -40.74
C VAL A 27 -6.90 4.93 -40.89
N LYS A 28 -8.08 5.53 -40.88
CA LYS A 28 -8.20 6.97 -41.03
C LYS A 28 -7.49 7.67 -39.88
N PRO A 29 -7.00 8.90 -40.09
CA PRO A 29 -6.25 9.61 -39.02
C PRO A 29 -7.01 9.70 -37.70
N LYS A 30 -8.33 9.80 -37.76
CA LYS A 30 -9.24 9.77 -36.62
C LYS A 30 -8.83 8.68 -35.63
N TYR A 31 -8.50 7.50 -36.15
CA TYR A 31 -8.22 6.32 -35.33
C TYR A 31 -6.74 6.18 -34.98
N ASN A 32 -5.88 7.08 -35.45
CA ASN A 32 -4.50 7.11 -35.01
C ASN A 32 -4.17 8.33 -34.19
N SER A 33 -5.09 9.28 -34.08
CA SER A 33 -4.90 10.44 -33.21
C SER A 33 -4.93 9.96 -31.77
N GLY A 34 -3.82 10.11 -31.08
CA GLY A 34 -3.74 9.58 -29.74
C GLY A 34 -3.29 8.13 -29.67
N ALA A 35 -2.96 7.51 -30.79
CA ALA A 35 -2.21 6.27 -30.74
C ALA A 35 -0.73 6.60 -30.79
N LEU A 36 0.11 5.61 -30.47
CA LEU A 36 1.55 5.84 -30.36
C LEU A 36 2.31 4.82 -31.18
N HIS A 37 3.21 5.30 -32.03
CA HIS A 37 4.22 4.45 -32.65
C HIS A 37 5.42 4.39 -31.71
N ILE A 38 6.25 3.36 -31.89
CA ILE A 38 7.48 3.26 -31.09
C ILE A 38 8.34 4.50 -31.29
N LYS A 39 8.37 5.07 -32.50
CA LYS A 39 9.15 6.28 -32.71
C LYS A 39 8.63 7.44 -31.86
N ASP A 40 7.32 7.47 -31.59
CA ASP A 40 6.78 8.49 -30.69
C ASP A 40 7.27 8.25 -29.26
N ILE A 41 7.23 7.00 -28.81
CA ILE A 41 7.64 6.69 -27.43
C ILE A 41 9.09 7.09 -27.20
N LEU A 42 9.96 6.86 -28.18
CA LEU A 42 11.40 7.13 -28.03
C LEU A 42 11.77 8.56 -28.38
N SER A 43 10.80 9.36 -28.83
CA SER A 43 11.05 10.69 -29.32
C SER A 43 11.72 11.55 -28.24
N PRO A 44 12.53 12.54 -28.64
N PRO A 44 12.54 12.53 -28.64
CA PRO A 44 13.11 13.45 -27.63
CA PRO A 44 13.10 13.44 -27.63
C PRO A 44 12.05 14.25 -26.88
C PRO A 44 12.04 14.20 -26.85
N LEU A 45 10.81 14.32 -27.38
CA LEU A 45 9.78 15.03 -26.65
C LEU A 45 9.35 14.27 -25.40
N PHE A 46 9.60 12.95 -25.32
CA PHE A 46 9.32 12.19 -24.11
C PHE A 46 10.45 12.25 -23.09
N GLY A 47 11.62 12.71 -23.47
CA GLY A 47 12.74 12.78 -22.54
C GLY A 47 14.06 12.68 -23.31
N THR A 48 15.11 13.21 -22.68
CA THR A 48 16.45 13.19 -23.28
C THR A 48 17.14 11.91 -22.84
N LEU A 49 17.17 10.93 -23.75
CA LEU A 49 17.58 9.58 -23.37
C LEU A 49 19.06 9.54 -23.00
N VAL A 50 19.33 8.89 -21.87
N VAL A 50 19.38 8.83 -21.92
CA VAL A 50 20.66 8.53 -21.44
CA VAL A 50 20.77 8.48 -21.66
C VAL A 50 20.95 7.06 -21.72
C VAL A 50 21.01 6.98 -21.66
N SER A 51 20.01 6.18 -21.37
N SER A 51 20.00 6.15 -21.42
CA SER A 51 20.15 4.75 -21.58
CA SER A 51 20.14 4.70 -21.39
C SER A 51 18.76 4.12 -21.50
C SER A 51 18.75 4.09 -21.42
N SER A 52 18.66 2.88 -21.95
CA SER A 52 17.38 2.19 -22.01
C SER A 52 17.58 0.69 -21.90
N ALA A 53 16.58 0.03 -21.34
CA ALA A 53 16.48 -1.42 -21.35
C ALA A 53 15.22 -1.80 -22.12
N GLN A 54 15.35 -2.77 -23.03
CA GLN A 54 14.22 -3.28 -23.81
C GLN A 54 13.99 -4.74 -23.43
N PHE A 55 12.98 -4.99 -22.60
CA PHE A 55 12.58 -6.36 -22.28
C PHE A 55 11.66 -6.82 -23.41
N ASN A 56 11.93 -7.99 -23.97
CA ASN A 56 11.01 -8.48 -24.99
C ASN A 56 11.22 -9.96 -25.25
N TYR A 57 10.47 -10.47 -26.22
CA TYR A 57 10.59 -11.84 -26.68
C TYR A 57 11.34 -11.92 -28.00
N CYS A 58 10.84 -11.26 -29.04
N CYS A 58 10.84 -11.24 -29.03
CA CYS A 58 11.46 -11.24 -30.36
CA CYS A 58 11.45 -11.25 -30.36
C CYS A 58 12.00 -9.86 -30.67
C CYS A 58 11.98 -9.86 -30.71
N PHE A 59 13.19 -9.81 -31.29
CA PHE A 59 13.89 -8.57 -31.62
C PHE A 59 14.37 -8.58 -33.06
N ASP A 60 14.21 -7.46 -33.76
CA ASP A 60 14.92 -7.17 -35.00
C ASP A 60 15.79 -5.96 -34.65
N VAL A 61 17.07 -6.21 -34.40
CA VAL A 61 17.91 -5.18 -33.79
C VAL A 61 18.15 -4.03 -34.77
N ASP A 62 18.40 -4.33 -36.05
CA ASP A 62 18.56 -3.26 -37.04
C ASP A 62 17.35 -2.35 -37.05
N TRP A 63 16.15 -2.94 -37.10
CA TRP A 63 14.93 -2.16 -37.06
C TRP A 63 14.83 -1.37 -35.76
N LEU A 64 15.14 -2.01 -34.62
CA LEU A 64 14.95 -1.37 -33.31
C LEU A 64 15.80 -0.12 -33.17
N VAL A 65 17.10 -0.21 -33.54
CA VAL A 65 17.97 0.95 -33.42
C VAL A 65 17.44 2.11 -34.28
N LYS A 66 16.93 1.80 -35.47
CA LYS A 66 16.36 2.84 -36.34
C LYS A 66 15.15 3.54 -35.73
N GLN A 67 14.44 2.91 -34.77
CA GLN A 67 13.31 3.56 -34.13
C GLN A 67 13.72 4.60 -33.08
N TYR A 68 14.96 4.56 -32.63
CA TYR A 68 15.44 5.61 -31.73
C TYR A 68 15.75 6.87 -32.55
N PRO A 69 15.59 8.05 -31.97
CA PRO A 69 16.03 9.26 -32.68
C PRO A 69 17.48 9.15 -33.03
N PRO A 70 17.89 9.71 -34.18
CA PRO A 70 19.30 9.62 -34.59
C PRO A 70 20.28 10.04 -33.51
N GLU A 71 20.04 11.18 -32.86
CA GLU A 71 20.89 11.68 -31.78
C GLU A 71 20.97 10.76 -30.57
N PHE A 72 20.10 9.76 -30.46
CA PHE A 72 20.12 8.85 -29.30
C PHE A 72 20.55 7.44 -29.67
N ARG A 73 20.91 7.18 -30.93
CA ARG A 73 21.09 5.81 -31.38
C ARG A 73 22.34 5.14 -30.82
N LYS A 74 23.28 5.89 -30.26
CA LYS A 74 24.45 5.27 -29.67
C LYS A 74 24.43 5.29 -28.15
N LYS A 75 23.32 5.71 -27.54
CA LYS A 75 23.20 5.59 -26.09
C LYS A 75 23.09 4.11 -25.72
N PRO A 76 23.54 3.72 -24.52
CA PRO A 76 23.51 2.30 -24.17
C PRO A 76 22.09 1.73 -24.21
N ILE A 77 21.99 0.52 -24.75
CA ILE A 77 20.74 -0.24 -24.82
C ILE A 77 21.02 -1.63 -24.27
N LEU A 78 20.15 -2.09 -23.37
CA LEU A 78 20.20 -3.46 -22.85
C LEU A 78 19.01 -4.23 -23.41
N LEU A 79 19.28 -5.36 -24.04
CA LEU A 79 18.21 -6.22 -24.51
C LEU A 79 18.04 -7.37 -23.52
N VAL A 80 16.85 -7.49 -22.94
CA VAL A 80 16.53 -8.56 -21.99
C VAL A 80 15.68 -9.58 -22.74
N HIS A 81 16.19 -10.81 -22.87
CA HIS A 81 15.58 -11.81 -23.71
C HIS A 81 15.63 -13.15 -22.99
N GLY A 82 14.98 -14.16 -23.57
CA GLY A 82 15.04 -15.51 -23.05
C GLY A 82 15.73 -16.55 -23.94
N ASP A 83 16.37 -16.13 -25.03
CA ASP A 83 16.85 -17.09 -26.03
C ASP A 83 18.01 -17.94 -25.50
N LYS A 84 18.13 -19.15 -26.04
CA LYS A 84 19.19 -20.08 -25.72
C LYS A 84 19.78 -20.67 -26.99
N ARG A 85 20.96 -21.26 -26.85
CA ARG A 85 21.61 -22.10 -27.87
C ARG A 85 21.64 -21.33 -29.19
N GLU A 86 21.15 -21.88 -30.31
CA GLU A 86 21.33 -21.21 -31.59
C GLU A 86 20.53 -19.92 -31.67
N ALA A 87 19.33 -19.90 -31.11
CA ALA A 87 18.56 -18.66 -31.08
C ALA A 87 19.33 -17.55 -30.36
N LYS A 88 19.96 -17.88 -29.23
CA LYS A 88 20.77 -16.90 -28.52
C LYS A 88 21.90 -16.40 -29.40
N ALA A 89 22.59 -17.31 -30.07
CA ALA A 89 23.70 -16.93 -30.94
C ALA A 89 23.23 -16.00 -32.06
N HIS A 90 22.02 -16.24 -32.58
CA HIS A 90 21.49 -15.36 -33.63
C HIS A 90 21.29 -13.95 -33.10
N LEU A 91 20.77 -13.83 -31.88
CA LEU A 91 20.50 -12.50 -31.33
C LEU A 91 21.79 -11.74 -31.06
N HIS A 92 22.81 -12.43 -30.56
CA HIS A 92 24.11 -11.79 -30.38
C HIS A 92 24.68 -11.33 -31.72
N ALA A 93 24.52 -12.15 -32.78
CA ALA A 93 25.01 -11.75 -34.09
C ALA A 93 24.30 -10.51 -34.59
N GLN A 94 22.97 -10.41 -34.37
CA GLN A 94 22.21 -9.22 -34.71
C GLN A 94 22.76 -7.98 -34.02
N ALA A 95 23.14 -8.09 -32.75
CA ALA A 95 23.55 -6.94 -31.96
C ALA A 95 25.03 -6.62 -32.09
N LYS A 96 25.84 -7.57 -32.57
CA LYS A 96 27.28 -7.37 -32.71
C LYS A 96 27.68 -6.06 -33.40
N PRO A 97 27.02 -5.60 -34.47
CA PRO A 97 27.45 -4.34 -35.10
C PRO A 97 27.33 -3.11 -34.21
N TYR A 98 26.54 -3.15 -33.15
CA TYR A 98 26.23 -1.98 -32.33
C TYR A 98 26.94 -2.13 -31.00
N GLU A 99 28.08 -1.43 -30.85
CA GLU A 99 28.91 -1.58 -29.65
C GLU A 99 28.20 -1.12 -28.38
N ASN A 100 27.16 -0.28 -28.50
CA ASN A 100 26.40 0.22 -27.36
C ASN A 100 25.32 -0.74 -26.88
N ILE A 101 25.13 -1.90 -27.51
CA ILE A 101 24.07 -2.83 -27.13
C ILE A 101 24.66 -3.94 -26.27
N SER A 102 24.09 -4.13 -25.09
CA SER A 102 24.34 -5.26 -24.22
C SER A 102 23.11 -6.15 -24.14
N LEU A 103 23.35 -7.39 -23.69
CA LEU A 103 22.31 -8.39 -23.66
C LEU A 103 22.27 -9.06 -22.29
N CYS A 104 21.06 -9.42 -21.88
CA CYS A 104 20.84 -10.09 -20.60
C CYS A 104 19.96 -11.29 -20.89
N GLN A 105 20.48 -12.48 -20.67
CA GLN A 105 19.70 -13.70 -20.94
C GLN A 105 18.96 -14.07 -19.67
N ALA A 106 17.64 -13.91 -19.69
CA ALA A 106 16.84 -14.25 -18.53
C ALA A 106 16.82 -15.76 -18.34
N LYS A 107 17.11 -16.22 -17.13
CA LYS A 107 17.13 -17.66 -16.88
C LYS A 107 15.73 -18.24 -17.00
N LEU A 108 15.65 -19.40 -17.66
CA LEU A 108 14.39 -20.11 -17.88
C LEU A 108 14.63 -21.55 -17.44
N ASP A 109 14.58 -21.78 -16.13
CA ASP A 109 14.99 -23.05 -15.54
C ASP A 109 13.87 -24.06 -15.50
N ILE A 110 12.68 -23.70 -15.94
CA ILE A 110 11.56 -24.63 -16.02
C ILE A 110 11.27 -24.86 -17.49
N ALA A 111 11.12 -26.13 -17.88
CA ALA A 111 10.90 -26.46 -19.28
C ALA A 111 9.67 -25.73 -19.82
N PHE A 112 9.73 -25.41 -21.12
CA PHE A 112 8.63 -24.82 -21.89
C PHE A 112 8.27 -23.42 -21.43
N GLY A 113 9.17 -22.77 -20.69
CA GLY A 113 8.97 -21.39 -20.34
C GLY A 113 9.59 -20.43 -21.34
N THR A 114 9.08 -19.20 -21.32
CA THR A 114 9.52 -18.19 -22.28
C THR A 114 9.64 -16.85 -21.58
N HIS A 115 10.45 -15.95 -22.15
CA HIS A 115 10.51 -14.57 -21.66
C HIS A 115 9.60 -13.72 -22.54
N HIS A 116 8.34 -13.54 -22.10
CA HIS A 116 7.33 -12.84 -22.89
C HIS A 116 7.14 -11.37 -22.47
N THR A 117 7.67 -10.96 -21.31
CA THR A 117 7.51 -9.58 -20.83
C THR A 117 7.96 -8.56 -21.87
N LYS A 118 7.11 -7.54 -22.09
CA LYS A 118 7.41 -6.43 -23.00
C LYS A 118 7.41 -5.12 -22.22
N MET A 119 8.61 -4.60 -21.98
CA MET A 119 8.78 -3.43 -21.12
C MET A 119 9.96 -2.62 -21.62
N MET A 120 9.83 -1.30 -21.56
CA MET A 120 10.96 -0.40 -21.78
C MET A 120 11.24 0.33 -20.49
N LEU A 121 12.52 0.38 -20.11
CA LEU A 121 12.97 1.27 -19.04
C LEU A 121 13.78 2.36 -19.73
N LEU A 122 13.34 3.61 -19.57
CA LEU A 122 13.89 4.73 -20.32
C LEU A 122 14.44 5.73 -19.30
N LEU A 123 15.78 5.78 -19.21
CA LEU A 123 16.47 6.70 -18.31
C LEU A 123 16.80 7.98 -19.08
N TYR A 124 16.33 9.11 -18.54
CA TYR A 124 16.51 10.41 -19.15
C TYR A 124 17.41 11.28 -18.28
N GLU A 125 17.89 12.38 -18.87
CA GLU A 125 18.46 13.46 -18.06
C GLU A 125 17.42 14.02 -17.09
N GLU A 126 16.14 13.98 -17.44
CA GLU A 126 15.06 14.60 -16.68
C GLU A 126 14.39 13.65 -15.68
N GLY A 127 14.67 12.37 -15.75
CA GLY A 127 13.99 11.42 -14.88
C GLY A 127 14.00 10.03 -15.50
N LEU A 128 12.93 9.29 -15.22
CA LEU A 128 12.82 7.89 -15.62
C LEU A 128 11.40 7.63 -16.09
N ARG A 129 11.28 6.85 -17.15
CA ARG A 129 9.97 6.39 -17.58
C ARG A 129 9.95 4.88 -17.74
N VAL A 130 8.81 4.28 -17.39
CA VAL A 130 8.55 2.86 -17.55
C VAL A 130 7.42 2.71 -18.56
N VAL A 131 7.60 1.80 -19.49
CA VAL A 131 6.62 1.50 -20.54
C VAL A 131 6.35 0.00 -20.52
N ILE A 132 5.11 -0.38 -20.23
CA ILE A 132 4.73 -1.80 -20.24
C ILE A 132 3.72 -1.98 -21.38
N HIS A 133 4.01 -2.89 -22.29
CA HIS A 133 3.24 -2.95 -23.53
C HIS A 133 3.19 -4.41 -24.01
N THR A 134 2.70 -4.62 -25.24
CA THR A 134 2.42 -5.96 -25.71
C THR A 134 3.10 -6.33 -27.03
N SER A 135 3.92 -5.45 -27.60
CA SER A 135 4.50 -5.65 -28.93
C SER A 135 5.93 -6.16 -28.89
N ASN A 136 6.21 -7.15 -29.74
CA ASN A 136 7.58 -7.51 -30.06
C ASN A 136 8.28 -6.35 -30.78
N LEU A 137 9.61 -6.34 -30.70
CA LEU A 137 10.42 -5.29 -31.34
C LEU A 137 10.77 -5.68 -32.77
N ILE A 138 9.72 -5.85 -33.58
CA ILE A 138 9.81 -6.17 -34.99
C ILE A 138 8.79 -5.29 -35.71
N HIS A 139 9.09 -4.96 -36.96
CA HIS A 139 8.23 -4.07 -37.76
C HIS A 139 6.77 -4.51 -37.75
N ALA A 140 6.52 -5.80 -38.00
CA ALA A 140 5.13 -6.23 -38.17
C ALA A 140 4.29 -6.05 -36.92
N ASP A 141 4.90 -6.09 -35.73
CA ASP A 141 4.08 -5.95 -34.53
C ASP A 141 3.58 -4.53 -34.34
N TRP A 142 4.19 -3.54 -34.98
CA TRP A 142 3.78 -2.15 -34.82
C TRP A 142 3.12 -1.60 -36.08
N HIS A 143 2.82 -2.46 -37.03
CA HIS A 143 2.38 -2.02 -38.35
C HIS A 143 0.86 -2.05 -38.45
N GLN A 144 0.24 -3.24 -38.40
CA GLN A 144 -1.22 -3.29 -38.54
C GLN A 144 -1.89 -4.16 -37.49
N LYS A 145 -1.31 -4.22 -36.29
CA LYS A 145 -1.90 -5.02 -35.21
C LYS A 145 -2.51 -4.11 -34.17
N THR A 146 -3.46 -4.65 -33.41
CA THR A 146 -3.95 -3.95 -32.23
C THR A 146 -3.04 -4.36 -31.07
N GLN A 147 -2.36 -3.37 -30.49
CA GLN A 147 -1.40 -3.56 -29.40
C GLN A 147 -1.67 -2.52 -28.34
N GLY A 148 -1.34 -2.82 -27.08
CA GLY A 148 -1.61 -1.93 -25.98
C GLY A 148 -0.33 -1.44 -25.32
N ILE A 149 -0.38 -0.22 -24.79
CA ILE A 149 0.76 0.44 -24.17
C ILE A 149 0.28 1.11 -22.91
N TRP A 150 1.01 0.93 -21.80
CA TRP A 150 0.86 1.78 -20.63
C TRP A 150 2.12 2.64 -20.49
N LEU A 151 1.93 3.96 -20.43
CA LEU A 151 3.02 4.91 -20.24
C LEU A 151 3.05 5.42 -18.81
N SER A 152 4.16 5.20 -18.11
CA SER A 152 4.24 5.75 -16.76
C SER A 152 4.41 7.27 -16.86
N PRO A 153 4.16 8.00 -15.78
CA PRO A 153 4.54 9.41 -15.76
C PRO A 153 6.06 9.52 -15.79
N LEU A 154 6.55 10.73 -16.07
CA LEU A 154 7.98 11.01 -15.93
C LEU A 154 8.33 11.03 -14.46
N TYR A 155 9.10 10.05 -14.01
CA TYR A 155 9.46 9.99 -12.59
C TYR A 155 10.68 10.85 -12.31
N PRO A 156 10.60 11.84 -11.43
CA PRO A 156 11.78 12.66 -11.16
C PRO A 156 12.74 11.90 -10.26
N ARG A 157 13.99 12.34 -10.30
CA ARG A 157 15.02 11.76 -9.44
C ARG A 157 14.87 12.30 -8.03
N ILE A 158 15.06 11.44 -7.04
CA ILE A 158 15.07 11.88 -5.64
C ILE A 158 16.39 12.57 -5.37
N ALA A 159 16.34 13.72 -4.70
CA ALA A 159 17.54 14.51 -4.45
C ALA A 159 18.56 13.70 -3.66
N ASP A 160 19.83 13.82 -4.06
CA ASP A 160 20.91 13.20 -3.30
C ASP A 160 20.95 13.76 -1.89
N GLY A 161 20.99 12.86 -0.90
CA GLY A 161 20.85 13.24 0.49
C GLY A 161 19.43 13.16 1.03
N THR A 162 18.43 13.19 0.16
CA THR A 162 17.04 13.04 0.57
C THR A 162 16.74 11.57 0.84
N HIS A 163 16.10 11.30 1.98
CA HIS A 163 15.61 9.96 2.32
C HIS A 163 14.09 9.98 2.24
N LYS A 164 13.55 9.39 1.18
CA LYS A 164 12.11 9.18 1.05
C LYS A 164 11.91 7.90 0.28
N SER A 165 10.70 7.33 0.36
CA SER A 165 10.51 6.04 -0.29
C SER A 165 10.41 6.20 -1.80
N GLY A 166 9.78 7.29 -2.26
CA GLY A 166 9.39 7.33 -3.67
C GLY A 166 8.31 6.34 -4.02
N GLU A 167 7.62 5.81 -3.02
CA GLU A 167 6.66 4.73 -3.25
C GLU A 167 5.27 5.30 -3.52
N SER A 168 4.49 4.55 -4.30
N SER A 168 4.49 4.55 -4.31
CA SER A 168 3.13 4.91 -4.65
CA SER A 168 3.12 4.89 -4.64
C SER A 168 2.12 4.14 -3.80
C SER A 168 2.14 4.18 -3.72
N PRO A 169 0.89 4.66 -3.64
CA PRO A 169 -0.12 3.91 -2.90
C PRO A 169 -0.39 2.53 -3.47
N THR A 170 0.00 2.26 -4.71
CA THR A 170 -0.13 0.91 -5.29
C THR A 170 1.12 0.05 -5.09
N HIS A 171 2.15 0.54 -4.41
CA HIS A 171 3.35 -0.24 -4.11
C HIS A 171 4.14 -0.58 -5.38
N PHE A 172 3.94 0.20 -6.44
CA PHE A 172 4.51 -0.12 -7.75
C PHE A 172 6.03 -0.12 -7.73
N LYS A 173 6.64 0.78 -6.96
CA LYS A 173 8.10 0.88 -7.00
C LYS A 173 8.73 -0.38 -6.41
N ALA A 174 8.32 -0.76 -5.21
CA ALA A 174 8.80 -2.00 -4.62
C ALA A 174 8.46 -3.20 -5.48
N ASP A 175 7.27 -3.19 -6.09
CA ASP A 175 6.83 -4.35 -6.87
C ASP A 175 7.61 -4.48 -8.17
N LEU A 176 7.94 -3.37 -8.81
CA LEU A 176 8.78 -3.43 -10.01
C LEU A 176 10.20 -3.90 -9.65
N ILE A 177 10.73 -3.41 -8.53
CA ILE A 177 12.05 -3.87 -8.11
C ILE A 177 12.03 -5.36 -7.83
N SER A 178 10.96 -5.83 -7.17
N SER A 178 10.96 -5.83 -7.18
CA SER A 178 10.82 -7.26 -6.88
CA SER A 178 10.85 -7.26 -6.90
C SER A 178 10.76 -8.06 -8.17
C SER A 178 10.77 -8.07 -8.18
N TYR A 179 10.05 -7.56 -9.18
CA TYR A 179 10.01 -8.24 -10.47
C TYR A 179 11.42 -8.36 -11.07
N LEU A 180 12.17 -7.27 -11.06
CA LEU A 180 13.54 -7.29 -11.59
C LEU A 180 14.46 -8.18 -10.75
N MET A 181 14.27 -8.21 -9.43
N MET A 181 14.28 -8.20 -9.43
CA MET A 181 15.15 -9.03 -8.60
CA MET A 181 15.13 -9.03 -8.57
C MET A 181 15.05 -10.51 -8.95
C MET A 181 15.04 -10.50 -8.96
N ALA A 182 13.90 -10.93 -9.47
CA ALA A 182 13.70 -12.34 -9.77
C ALA A 182 14.67 -12.83 -10.84
N TYR A 183 15.15 -11.93 -11.71
CA TYR A 183 16.08 -12.32 -12.76
C TYR A 183 17.44 -12.71 -12.19
N ASN A 184 17.80 -12.13 -11.04
CA ASN A 184 19.10 -12.37 -10.45
C ASN A 184 20.22 -12.03 -11.43
N ALA A 185 20.11 -10.88 -12.09
CA ALA A 185 21.01 -10.57 -13.21
C ALA A 185 21.78 -9.28 -12.95
N PRO A 186 23.10 -9.26 -13.16
CA PRO A 186 23.88 -8.05 -12.81
C PRO A 186 23.49 -6.82 -13.61
N SER A 187 23.13 -6.97 -14.88
CA SER A 187 22.70 -5.82 -15.65
C SER A 187 21.39 -5.25 -15.12
N LEU A 188 20.55 -6.08 -14.50
CA LEU A 188 19.30 -5.58 -13.98
C LEU A 188 19.42 -5.05 -12.56
N LYS A 189 20.41 -5.51 -11.78
CA LYS A 189 20.69 -4.83 -10.53
C LYS A 189 21.02 -3.35 -10.76
N GLU A 190 21.72 -3.05 -11.87
CA GLU A 190 21.99 -1.64 -12.20
C GLU A 190 20.69 -0.87 -12.40
N TRP A 191 19.71 -1.47 -13.09
CA TRP A 191 18.45 -0.79 -13.28
C TRP A 191 17.64 -0.70 -12.00
N ILE A 192 17.76 -1.71 -11.12
CA ILE A 192 17.14 -1.61 -9.80
C ILE A 192 17.67 -0.40 -9.03
N ASP A 193 18.98 -0.16 -9.10
CA ASP A 193 19.54 0.99 -8.40
C ASP A 193 19.09 2.30 -9.02
N VAL A 194 18.93 2.33 -10.35
CA VAL A 194 18.34 3.49 -11.00
C VAL A 194 16.94 3.76 -10.44
N ILE A 195 16.12 2.72 -10.39
CA ILE A 195 14.75 2.87 -9.91
C ILE A 195 14.73 3.35 -8.46
N HIS A 196 15.61 2.79 -7.61
CA HIS A 196 15.70 3.26 -6.22
C HIS A 196 15.87 4.76 -6.15
N LYS A 197 16.62 5.34 -7.09
CA LYS A 197 16.94 6.76 -7.03
C LYS A 197 15.83 7.65 -7.55
N HIS A 198 14.70 7.11 -8.02
CA HIS A 198 13.65 7.92 -8.60
C HIS A 198 12.37 7.84 -7.76
N ASP A 199 11.54 8.86 -7.92
CA ASP A 199 10.27 9.00 -7.21
C ASP A 199 9.16 8.47 -8.11
N LEU A 200 8.62 7.30 -7.77
CA LEU A 200 7.55 6.67 -8.52
C LEU A 200 6.19 6.84 -7.86
N SER A 201 6.07 7.82 -6.95
CA SER A 201 4.87 7.92 -6.11
C SER A 201 3.59 8.25 -6.87
N GLU A 202 3.68 8.87 -8.04
CA GLU A 202 2.48 9.21 -8.78
C GLU A 202 1.83 7.99 -9.45
N THR A 203 2.43 6.80 -9.38
CA THR A 203 1.93 5.66 -10.15
C THR A 203 0.58 5.18 -9.61
N ASN A 204 -0.42 5.07 -10.48
CA ASN A 204 -1.76 4.68 -10.06
C ASN A 204 -2.19 3.30 -10.59
N VAL A 205 -1.28 2.52 -11.16
CA VAL A 205 -1.57 1.15 -11.56
C VAL A 205 -0.84 0.18 -10.65
N TYR A 206 -1.37 -1.05 -10.55
CA TYR A 206 -0.70 -2.14 -9.85
C TYR A 206 0.04 -3.03 -10.85
N LEU A 207 1.26 -3.43 -10.48
CA LEU A 207 2.05 -4.33 -11.32
C LEU A 207 1.57 -5.77 -11.13
N ILE A 208 1.34 -6.48 -12.22
CA ILE A 208 1.06 -7.93 -12.15
C ILE A 208 2.07 -8.67 -13.02
N GLY A 209 3.02 -9.33 -12.37
CA GLY A 209 4.05 -10.05 -13.08
C GLY A 209 3.95 -11.56 -12.89
N SER A 210 4.50 -12.28 -13.85
CA SER A 210 4.85 -13.68 -13.67
C SER A 210 6.35 -13.82 -13.86
N THR A 211 6.94 -14.73 -13.08
N THR A 211 6.96 -14.66 -13.01
CA THR A 211 8.33 -15.10 -13.17
CA THR A 211 8.35 -15.10 -13.15
C THR A 211 8.41 -16.61 -12.94
C THR A 211 8.38 -16.61 -12.98
N PRO A 212 9.35 -17.29 -13.58
CA PRO A 212 9.38 -18.76 -13.49
C PRO A 212 9.70 -19.20 -12.07
N GLY A 213 9.01 -20.25 -11.62
CA GLY A 213 9.34 -20.81 -10.33
C GLY A 213 8.18 -21.59 -9.75
N ARG A 214 8.38 -22.03 -8.51
N ARG A 214 8.39 -22.04 -8.52
CA ARG A 214 7.40 -22.79 -7.77
CA ARG A 214 7.38 -22.79 -7.77
C ARG A 214 7.20 -22.09 -6.43
C ARG A 214 7.21 -22.09 -6.44
N PHE A 215 6.07 -21.41 -6.27
CA PHE A 215 5.87 -20.48 -5.17
C PHE A 215 4.92 -21.05 -4.15
N GLN A 216 5.37 -21.10 -2.90
CA GLN A 216 4.62 -21.59 -1.75
C GLN A 216 4.52 -20.50 -0.68
N GLY A 217 3.64 -20.72 0.29
CA GLY A 217 3.62 -19.87 1.47
C GLY A 217 3.30 -18.43 1.11
N SER A 218 4.07 -17.50 1.68
CA SER A 218 3.86 -16.09 1.39
C SER A 218 4.05 -15.79 -0.10
N GLN A 219 5.09 -16.35 -0.71
CA GLN A 219 5.43 -16.04 -2.10
C GLN A 219 4.33 -16.44 -3.07
N LYS A 220 3.37 -17.27 -2.63
CA LYS A 220 2.25 -17.70 -3.46
C LYS A 220 1.51 -16.52 -4.08
N ASP A 221 1.34 -15.43 -3.33
CA ASP A 221 0.56 -14.29 -3.81
C ASP A 221 1.36 -13.30 -4.65
N ASN A 222 2.63 -13.56 -4.90
CA ASN A 222 3.46 -12.57 -5.57
C ASN A 222 3.25 -12.53 -7.07
N TRP A 223 2.79 -13.63 -7.69
CA TRP A 223 2.87 -13.72 -9.14
C TRP A 223 1.61 -14.32 -9.76
N GLY A 224 1.44 -14.08 -11.06
CA GLY A 224 0.45 -14.80 -11.87
C GLY A 224 -0.97 -14.58 -11.37
N HIS A 225 -1.81 -15.61 -11.51
CA HIS A 225 -3.21 -15.36 -11.21
C HIS A 225 -3.46 -15.23 -9.70
N PHE A 226 -2.57 -15.74 -8.85
CA PHE A 226 -2.73 -15.50 -7.42
C PHE A 226 -2.41 -14.06 -7.05
N ARG A 227 -1.48 -13.43 -7.78
CA ARG A 227 -1.23 -12.01 -7.57
C ARG A 227 -2.47 -11.20 -7.91
N LEU A 228 -3.09 -11.51 -9.06
CA LEU A 228 -4.32 -10.82 -9.42
C LEU A 228 -5.39 -11.04 -8.35
N LYS A 229 -5.56 -12.29 -7.91
CA LYS A 229 -6.55 -12.57 -6.88
C LYS A 229 -6.28 -11.76 -5.61
N LYS A 230 -5.01 -11.69 -5.18
CA LYS A 230 -4.68 -10.94 -3.97
C LYS A 230 -5.04 -9.47 -4.10
N LEU A 231 -4.72 -8.85 -5.24
CA LEU A 231 -5.01 -7.43 -5.44
C LEU A 231 -6.52 -7.17 -5.43
N LEU A 232 -7.28 -8.08 -6.06
CA LEU A 232 -8.73 -7.91 -6.14
C LEU A 232 -9.37 -8.15 -4.77
N LYS A 233 -8.83 -9.11 -4.01
CA LYS A 233 -9.27 -9.30 -2.64
C LYS A 233 -9.05 -8.03 -1.82
N ASP A 234 -7.89 -7.40 -1.99
CA ASP A 234 -7.45 -6.33 -1.09
C ASP A 234 -7.90 -4.95 -1.51
N HIS A 235 -8.09 -4.70 -2.81
CA HIS A 235 -8.27 -3.34 -3.31
C HIS A 235 -9.50 -3.18 -4.20
N ALA A 236 -10.35 -4.19 -4.28
CA ALA A 236 -11.65 -4.06 -4.91
C ALA A 236 -12.73 -4.45 -3.91
N SER A 237 -13.95 -4.01 -4.18
CA SER A 237 -15.10 -4.33 -3.33
C SER A 237 -16.11 -5.14 -4.12
N SER A 238 -16.72 -6.11 -3.44
CA SER A 238 -17.78 -6.88 -4.08
C SER A 238 -19.08 -6.09 -4.01
N MET A 239 -19.85 -6.17 -5.08
CA MET A 239 -21.13 -5.49 -5.17
C MET A 239 -22.27 -6.49 -5.17
N PRO A 240 -23.50 -6.06 -4.91
CA PRO A 240 -24.63 -6.99 -5.09
C PRO A 240 -24.71 -7.43 -6.54
N ASN A 241 -25.25 -8.63 -6.75
CA ASN A 241 -25.40 -9.20 -8.08
C ASN A 241 -24.06 -9.38 -8.77
N ALA A 242 -22.95 -9.39 -7.99
CA ALA A 242 -21.61 -9.58 -8.55
C ALA A 242 -21.53 -10.86 -9.38
N GLU A 243 -22.34 -11.85 -9.04
CA GLU A 243 -22.40 -13.07 -9.83
C GLU A 243 -22.84 -12.80 -11.27
N SER A 244 -23.52 -11.67 -11.50
CA SER A 244 -23.97 -11.29 -12.83
C SER A 244 -22.93 -10.51 -13.61
N TRP A 245 -21.83 -10.09 -12.97
CA TRP A 245 -20.79 -9.34 -13.68
C TRP A 245 -19.87 -10.31 -14.41
N PRO A 246 -19.84 -10.30 -15.74
CA PRO A 246 -19.04 -11.29 -16.48
C PRO A 246 -17.56 -11.06 -16.30
N VAL A 247 -16.80 -12.07 -16.73
CA VAL A 247 -15.35 -11.95 -16.87
C VAL A 247 -15.02 -12.02 -18.35
N VAL A 248 -14.10 -11.17 -18.81
CA VAL A 248 -13.71 -11.14 -20.23
C VAL A 248 -12.21 -11.34 -20.32
N GLY A 249 -11.80 -12.32 -21.12
CA GLY A 249 -10.39 -12.54 -21.40
C GLY A 249 -10.19 -12.43 -22.91
N GLN A 250 -9.11 -11.74 -23.30
CA GLN A 250 -8.87 -11.40 -24.70
C GLN A 250 -7.38 -11.59 -24.94
N PHE A 251 -7.02 -12.40 -25.94
CA PHE A 251 -5.66 -12.92 -26.03
C PHE A 251 -5.36 -13.28 -27.48
N SER A 252 -4.09 -13.59 -27.75
CA SER A 252 -3.69 -13.98 -29.11
C SER A 252 -3.10 -15.38 -29.20
N SER A 253 -3.03 -16.12 -28.10
CA SER A 253 -2.75 -17.55 -28.20
C SER A 253 -3.29 -18.24 -26.97
N VAL A 254 -3.46 -19.56 -27.10
CA VAL A 254 -4.07 -20.40 -26.09
C VAL A 254 -3.12 -21.56 -25.81
N GLY A 255 -2.94 -21.87 -24.53
CA GLY A 255 -2.16 -23.04 -24.15
C GLY A 255 -3.04 -24.27 -24.06
N SER A 256 -2.42 -25.38 -23.68
N SER A 256 -2.40 -25.39 -23.73
CA SER A 256 -3.14 -26.62 -23.42
CA SER A 256 -3.13 -26.60 -23.38
C SER A 256 -3.76 -26.52 -22.03
C SER A 256 -3.76 -26.42 -22.00
N LEU A 257 -5.08 -26.39 -21.95
CA LEU A 257 -5.76 -26.10 -20.69
C LEU A 257 -6.34 -27.32 -20.00
N GLY A 258 -6.30 -28.49 -20.62
CA GLY A 258 -6.83 -29.69 -20.04
C GLY A 258 -8.04 -30.22 -20.79
N ALA A 259 -8.49 -31.39 -20.36
CA ALA A 259 -9.54 -32.13 -21.07
C ALA A 259 -10.92 -31.55 -20.85
N ASP A 260 -11.10 -30.65 -19.88
CA ASP A 260 -12.38 -29.98 -19.67
C ASP A 260 -12.13 -28.73 -18.83
N GLU A 261 -13.19 -27.93 -18.67
CA GLU A 261 -13.02 -26.63 -18.05
C GLU A 261 -12.69 -26.73 -16.56
N SER A 262 -12.98 -27.86 -15.92
CA SER A 262 -12.70 -28.03 -14.50
C SER A 262 -11.22 -28.21 -14.21
N LYS A 263 -10.41 -28.55 -15.21
CA LYS A 263 -9.01 -28.87 -14.95
C LYS A 263 -8.22 -27.61 -14.57
N TRP A 264 -8.55 -26.46 -15.17
CA TRP A 264 -7.83 -25.24 -14.85
C TRP A 264 -8.65 -23.98 -15.11
N LEU A 265 -9.31 -23.91 -16.27
CA LEU A 265 -9.90 -22.66 -16.73
C LEU A 265 -10.97 -22.13 -15.78
N CYS A 266 -11.96 -22.96 -15.46
CA CYS A 266 -13.02 -22.50 -14.55
C CYS A 266 -12.86 -23.02 -13.13
N SER A 267 -11.76 -23.70 -12.82
CA SER A 267 -11.48 -23.95 -11.42
C SER A 267 -10.61 -22.79 -10.94
N GLU A 268 -9.29 -22.93 -11.01
CA GLU A 268 -8.45 -21.93 -10.35
C GLU A 268 -8.37 -20.62 -11.13
N PHE A 269 -8.35 -20.64 -12.47
CA PHE A 269 -8.18 -19.39 -13.22
C PHE A 269 -9.41 -18.47 -13.09
N LYS A 270 -10.59 -19.01 -13.38
CA LYS A 270 -11.80 -18.21 -13.22
C LYS A 270 -12.00 -17.78 -11.76
N GLU A 271 -11.67 -18.66 -10.80
CA GLU A 271 -11.83 -18.31 -9.40
C GLU A 271 -11.00 -17.09 -9.01
N SER A 272 -9.77 -17.00 -9.53
CA SER A 272 -8.98 -15.80 -9.28
C SER A 272 -9.61 -14.58 -9.96
N MET A 273 -9.98 -14.70 -11.24
CA MET A 273 -10.60 -13.60 -11.99
C MET A 273 -11.88 -13.09 -11.39
N LEU A 274 -12.66 -13.96 -10.74
N LEU A 274 -12.67 -13.93 -10.73
CA LEU A 274 -13.94 -13.58 -10.17
CA LEU A 274 -13.94 -13.47 -10.20
C LEU A 274 -13.82 -12.83 -8.85
C LEU A 274 -13.85 -12.96 -8.78
N THR A 275 -12.65 -12.89 -8.22
CA THR A 275 -12.48 -12.39 -6.86
C THR A 275 -12.80 -10.89 -6.77
N LEU A 276 -13.53 -10.52 -5.72
CA LEU A 276 -13.77 -9.11 -5.38
C LEU A 276 -13.92 -8.99 -3.87
N GLY A 277 -13.03 -8.24 -3.24
CA GLY A 277 -13.17 -7.95 -1.82
C GLY A 277 -12.80 -9.14 -0.96
N LYS A 278 -13.01 -8.96 0.34
CA LYS A 278 -12.48 -9.85 1.36
C LYS A 278 -13.39 -11.03 1.69
N GLU A 279 -14.64 -11.01 1.24
CA GLU A 279 -15.64 -11.96 1.71
C GLU A 279 -15.67 -13.20 0.81
N SER A 280 -16.63 -14.09 1.06
CA SER A 280 -16.79 -15.30 0.28
C SER A 280 -18.24 -15.48 -0.15
N SER A 286 -20.04 -21.64 -10.36
CA SER A 286 -20.27 -20.20 -10.43
C SER A 286 -21.15 -19.79 -11.61
N SER A 287 -22.10 -18.90 -11.33
CA SER A 287 -23.00 -18.36 -12.36
C SER A 287 -22.32 -17.38 -13.31
N VAL A 288 -21.07 -16.99 -13.04
CA VAL A 288 -20.46 -15.85 -13.73
C VAL A 288 -20.14 -16.18 -15.18
N PRO A 289 -20.69 -15.44 -16.13
CA PRO A 289 -20.37 -15.68 -17.55
C PRO A 289 -18.91 -15.42 -17.83
N LEU A 290 -18.30 -16.28 -18.66
CA LEU A 290 -16.92 -16.11 -19.08
C LEU A 290 -16.89 -15.91 -20.60
N TYR A 291 -16.44 -14.74 -21.04
CA TYR A 291 -16.32 -14.42 -22.47
C TYR A 291 -14.85 -14.46 -22.85
N LEU A 292 -14.49 -15.31 -23.80
CA LEU A 292 -13.12 -15.34 -24.32
C LEU A 292 -13.12 -14.79 -25.75
N ILE A 293 -12.28 -13.79 -26.01
CA ILE A 293 -12.19 -13.13 -27.30
C ILE A 293 -10.92 -13.57 -28.00
N TYR A 294 -11.07 -14.24 -29.15
CA TYR A 294 -9.93 -14.76 -29.90
C TYR A 294 -10.30 -14.75 -31.37
N PRO A 295 -9.43 -14.28 -32.27
CA PRO A 295 -9.81 -14.14 -33.69
C PRO A 295 -10.26 -15.45 -34.33
N SER A 296 -11.39 -15.38 -35.04
CA SER A 296 -11.83 -16.46 -35.91
C SER A 296 -10.98 -16.51 -37.19
N VAL A 297 -11.12 -17.60 -37.95
CA VAL A 297 -10.48 -17.66 -39.26
C VAL A 297 -10.92 -16.48 -40.13
N GLU A 298 -12.21 -16.17 -40.12
N GLU A 298 -12.21 -16.16 -40.13
CA GLU A 298 -12.71 -15.06 -40.94
CA GLU A 298 -12.70 -15.06 -40.96
C GLU A 298 -12.14 -13.72 -40.49
C GLU A 298 -12.14 -13.71 -40.49
N ASN A 299 -12.02 -13.51 -39.18
CA ASN A 299 -11.35 -12.31 -38.67
C ASN A 299 -9.98 -12.16 -39.33
N VAL A 300 -9.23 -13.25 -39.37
CA VAL A 300 -7.86 -13.22 -39.88
C VAL A 300 -7.86 -13.04 -41.40
N ARG A 301 -8.72 -13.79 -42.10
CA ARG A 301 -8.76 -13.74 -43.57
C ARG A 301 -9.03 -12.32 -44.07
N THR A 302 -9.97 -11.63 -43.42
CA THR A 302 -10.38 -10.31 -43.87
C THR A 302 -9.58 -9.19 -43.21
N SER A 303 -8.51 -9.50 -42.48
CA SER A 303 -7.74 -8.47 -41.77
C SER A 303 -6.86 -7.68 -42.75
N LEU A 304 -6.35 -6.56 -42.24
CA LEU A 304 -5.43 -5.73 -43.02
C LEU A 304 -4.24 -6.56 -43.53
N GLU A 305 -3.73 -7.46 -42.69
CA GLU A 305 -2.60 -8.30 -43.06
C GLU A 305 -2.99 -9.51 -43.89
N GLY A 306 -4.23 -9.98 -43.78
CA GLY A 306 -4.63 -11.24 -44.38
C GLY A 306 -4.17 -12.40 -43.52
N TYR A 307 -4.16 -13.59 -44.11
CA TYR A 307 -3.70 -14.78 -43.40
C TYR A 307 -2.35 -14.61 -42.68
N PRO A 308 -1.37 -13.86 -43.20
CA PRO A 308 -0.12 -13.68 -42.43
C PRO A 308 -0.30 -13.11 -41.03
N ALA A 309 -1.41 -12.41 -40.74
CA ALA A 309 -1.69 -12.03 -39.35
C ALA A 309 -1.72 -13.24 -38.44
N GLY A 310 -2.16 -14.39 -38.96
CA GLY A 310 -2.20 -15.64 -38.22
C GLY A 310 -0.84 -16.21 -37.87
N GLY A 311 0.23 -15.71 -38.48
CA GLY A 311 1.58 -16.04 -38.05
C GLY A 311 1.89 -15.60 -36.63
N SER A 312 1.16 -14.61 -36.10
CA SER A 312 1.28 -14.18 -34.70
C SER A 312 0.08 -14.57 -33.85
N LEU A 313 -0.68 -15.58 -34.28
CA LEU A 313 -1.79 -16.14 -33.51
C LEU A 313 -1.53 -17.64 -33.41
N PRO A 314 -0.54 -18.04 -32.60
CA PRO A 314 0.07 -19.38 -32.74
C PRO A 314 -0.68 -20.49 -32.00
N TYR A 315 -1.95 -20.65 -32.33
CA TYR A 315 -2.77 -21.76 -31.80
C TYR A 315 -2.62 -22.98 -32.71
N SER A 316 -2.04 -24.05 -32.19
CA SER A 316 -1.75 -25.24 -32.99
C SER A 316 -2.92 -26.22 -33.01
N ILE A 317 -3.03 -26.98 -34.11
CA ILE A 317 -4.09 -27.98 -34.21
C ILE A 317 -3.91 -29.06 -33.16
N GLN A 318 -2.66 -29.37 -32.80
CA GLN A 318 -2.40 -30.39 -31.79
C GLN A 318 -2.98 -30.00 -30.44
N THR A 319 -2.79 -28.75 -30.05
CA THR A 319 -3.41 -28.27 -28.81
C THR A 319 -4.93 -28.19 -28.96
N ALA A 320 -5.39 -27.60 -30.06
CA ALA A 320 -6.81 -27.31 -30.21
C ALA A 320 -7.66 -28.58 -30.20
N GLU A 321 -7.20 -29.64 -30.87
CA GLU A 321 -8.08 -30.80 -31.01
C GLU A 321 -8.26 -31.56 -29.69
N LYS A 322 -7.47 -31.24 -28.66
CA LYS A 322 -7.62 -31.87 -27.36
C LYS A 322 -8.54 -31.07 -26.43
N GLN A 323 -9.04 -29.92 -26.86
CA GLN A 323 -9.85 -29.08 -25.98
C GLN A 323 -10.94 -28.38 -26.78
N ASN A 324 -11.68 -29.12 -27.60
CA ASN A 324 -12.76 -28.50 -28.37
C ASN A 324 -13.82 -27.89 -27.46
N TRP A 325 -13.98 -28.41 -26.22
CA TRP A 325 -14.88 -27.78 -25.26
C TRP A 325 -14.62 -26.28 -25.11
N LEU A 326 -13.37 -25.85 -25.26
CA LEU A 326 -13.02 -24.45 -25.03
C LEU A 326 -13.64 -23.52 -26.06
N HIS A 327 -13.84 -23.99 -27.29
CA HIS A 327 -14.21 -23.06 -28.35
C HIS A 327 -15.63 -22.56 -28.20
N SER A 328 -16.45 -23.22 -27.38
N SER A 328 -16.45 -23.22 -27.39
CA SER A 328 -17.78 -22.71 -27.09
CA SER A 328 -17.77 -22.71 -27.08
C SER A 328 -17.73 -21.44 -26.24
C SER A 328 -17.73 -21.40 -26.30
N TYR A 329 -16.56 -21.03 -25.75
CA TYR A 329 -16.40 -19.77 -25.04
C TYR A 329 -15.97 -18.62 -25.96
N PHE A 330 -15.65 -18.91 -27.21
CA PHE A 330 -14.91 -17.97 -28.04
C PHE A 330 -15.84 -16.97 -28.70
N HIS A 331 -15.42 -15.70 -28.68
CA HIS A 331 -16.14 -14.60 -29.28
C HIS A 331 -15.22 -13.94 -30.31
N LYS A 332 -15.82 -13.39 -31.37
CA LYS A 332 -15.02 -12.79 -32.44
C LYS A 332 -14.30 -11.54 -31.97
N TRP A 333 -13.22 -11.19 -32.70
CA TRP A 333 -12.58 -9.90 -32.50
C TRP A 333 -13.39 -8.82 -33.21
N SER A 334 -13.78 -7.79 -32.48
CA SER A 334 -14.49 -6.69 -33.11
C SER A 334 -14.08 -5.43 -32.39
N ALA A 335 -13.69 -4.38 -33.12
CA ALA A 335 -13.14 -3.18 -32.50
C ALA A 335 -13.54 -1.93 -33.27
N GLU A 336 -14.82 -1.83 -33.65
CA GLU A 336 -15.34 -0.62 -34.27
C GLU A 336 -15.07 0.61 -33.42
N THR A 337 -15.12 0.47 -32.09
CA THR A 337 -14.90 1.61 -31.20
C THR A 337 -13.53 2.25 -31.41
N SER A 338 -12.50 1.48 -31.81
CA SER A 338 -11.17 2.04 -32.08
C SER A 338 -10.80 1.91 -33.54
N GLY A 339 -11.76 1.65 -34.42
CA GLY A 339 -11.52 1.48 -35.84
C GLY A 339 -10.57 0.35 -36.15
N ARG A 340 -10.52 -0.68 -35.30
CA ARG A 340 -9.47 -1.69 -35.40
C ARG A 340 -10.01 -3.11 -35.56
N SER A 341 -11.23 -3.26 -36.08
CA SER A 341 -11.76 -4.60 -36.32
C SER A 341 -10.89 -5.41 -37.29
N ASN A 342 -10.21 -4.75 -38.22
CA ASN A 342 -9.36 -5.47 -39.16
C ASN A 342 -7.88 -5.44 -38.77
N ALA A 343 -7.55 -4.99 -37.57
CA ALA A 343 -6.18 -4.96 -37.07
C ALA A 343 -6.09 -6.05 -36.00
N MET A 344 -5.53 -7.20 -36.37
CA MET A 344 -5.66 -8.38 -35.52
C MET A 344 -5.00 -8.13 -34.17
N PRO A 345 -5.57 -8.67 -33.08
CA PRO A 345 -5.05 -8.38 -31.74
C PRO A 345 -3.77 -9.14 -31.43
N HIS A 346 -2.76 -8.41 -30.98
CA HIS A 346 -1.66 -9.00 -30.25
C HIS A 346 -1.61 -8.44 -28.83
N ILE A 347 -2.46 -7.46 -28.52
CA ILE A 347 -2.72 -7.06 -27.15
C ILE A 347 -3.38 -8.23 -26.42
N LYS A 348 -3.20 -8.28 -25.10
CA LYS A 348 -3.98 -9.18 -24.24
C LYS A 348 -4.59 -8.34 -23.13
N THR A 349 -5.86 -8.56 -22.87
CA THR A 349 -6.57 -7.81 -21.85
C THR A 349 -7.52 -8.73 -21.11
N TYR A 350 -7.80 -8.36 -19.86
CA TYR A 350 -8.73 -9.06 -18.99
C TYR A 350 -9.48 -7.99 -18.22
N MET A 351 -10.80 -8.15 -18.06
CA MET A 351 -11.54 -7.11 -17.34
C MET A 351 -12.83 -7.71 -16.77
N ARG A 352 -13.51 -6.93 -15.93
CA ARG A 352 -14.71 -7.38 -15.22
C ARG A 352 -15.86 -6.40 -15.45
N PRO A 353 -16.58 -6.53 -16.57
CA PRO A 353 -17.68 -5.60 -16.87
C PRO A 353 -18.94 -5.88 -16.06
N SER A 354 -19.76 -4.84 -15.97
CA SER A 354 -21.09 -4.95 -15.39
C SER A 354 -21.98 -5.79 -16.33
N PRO A 355 -23.14 -6.26 -15.84
CA PRO A 355 -23.99 -7.11 -16.66
C PRO A 355 -24.40 -6.47 -17.97
N ASP A 356 -24.53 -5.13 -18.03
CA ASP A 356 -24.87 -4.46 -19.27
C ASP A 356 -23.66 -3.85 -19.96
N PHE A 357 -22.45 -4.19 -19.51
CA PHE A 357 -21.20 -3.78 -20.14
C PHE A 357 -21.01 -2.26 -20.16
N SER A 358 -21.74 -1.51 -19.32
CA SER A 358 -21.58 -0.06 -19.27
C SER A 358 -20.50 0.39 -18.30
N LYS A 359 -20.12 -0.46 -17.36
CA LYS A 359 -19.10 -0.19 -16.36
C LYS A 359 -18.14 -1.38 -16.29
N ILE A 360 -16.95 -1.17 -15.70
CA ILE A 360 -16.03 -2.27 -15.41
C ILE A 360 -15.47 -2.09 -14.01
N ALA A 361 -15.31 -3.21 -13.33
CA ALA A 361 -14.75 -3.23 -11.98
C ALA A 361 -13.23 -3.17 -11.97
N TRP A 362 -12.58 -3.52 -13.08
CA TRP A 362 -11.13 -3.41 -13.24
C TRP A 362 -10.78 -3.76 -14.68
N PHE A 363 -9.55 -3.38 -15.07
CA PHE A 363 -9.02 -3.66 -16.40
C PHE A 363 -7.54 -3.97 -16.28
N LEU A 364 -7.11 -5.01 -17.00
CA LEU A 364 -5.71 -5.43 -17.02
C LEU A 364 -5.22 -5.50 -18.47
N VAL A 365 -4.09 -4.87 -18.76
CA VAL A 365 -3.38 -5.10 -20.02
C VAL A 365 -2.07 -5.77 -19.69
N THR A 366 -1.70 -6.80 -20.47
CA THR A 366 -0.61 -7.68 -20.07
C THR A 366 -0.04 -8.38 -21.31
N SER A 367 1.15 -8.95 -21.15
CA SER A 367 1.67 -9.86 -22.16
C SER A 367 1.09 -11.25 -22.04
N ALA A 368 0.41 -11.56 -20.93
CA ALA A 368 0.04 -12.94 -20.62
C ALA A 368 -1.12 -13.40 -21.50
N ASN A 369 -0.88 -14.47 -22.27
CA ASN A 369 -1.93 -15.13 -23.01
C ASN A 369 -2.71 -16.08 -22.11
N LEU A 370 -3.68 -16.78 -22.69
CA LEU A 370 -4.51 -17.70 -21.91
C LEU A 370 -3.80 -19.05 -21.84
N SER A 371 -2.84 -19.15 -20.91
CA SER A 371 -2.05 -20.36 -20.74
C SER A 371 -1.64 -20.52 -19.29
N LYS A 372 -1.53 -21.79 -18.89
CA LYS A 372 -0.97 -22.12 -17.59
C LYS A 372 0.46 -21.66 -17.45
N ALA A 373 1.24 -21.69 -18.54
CA ALA A 373 2.63 -21.25 -18.47
C ALA A 373 2.71 -19.79 -18.04
N ALA A 374 1.78 -18.96 -18.52
CA ALA A 374 1.79 -17.52 -18.29
C ALA A 374 1.18 -17.16 -16.95
N TRP A 375 0.09 -17.83 -16.58
CA TRP A 375 -0.66 -17.43 -15.41
C TRP A 375 -0.35 -18.24 -14.16
N GLY A 376 0.21 -19.43 -14.32
CA GLY A 376 0.49 -20.29 -13.19
C GLY A 376 -0.55 -21.39 -13.05
N ALA A 377 -0.10 -22.54 -12.56
CA ALA A 377 -0.96 -23.69 -12.30
C ALA A 377 -0.64 -24.25 -10.92
N LEU A 378 -1.67 -24.48 -10.11
CA LEU A 378 -1.46 -25.00 -8.76
C LEU A 378 -0.92 -26.42 -8.81
N GLU A 379 0.03 -26.71 -7.93
CA GLU A 379 0.65 -28.02 -7.75
C GLU A 379 0.69 -28.34 -6.26
N LYS A 380 1.12 -29.57 -5.96
CA LYS A 380 1.33 -30.03 -4.59
C LYS A 380 0.09 -29.80 -3.74
N ASN A 381 -1.03 -30.36 -4.18
CA ASN A 381 -2.25 -30.36 -3.39
C ASN A 381 -2.70 -28.92 -3.08
N GLY A 382 -2.58 -28.05 -4.08
CA GLY A 382 -3.01 -26.67 -3.99
C GLY A 382 -2.12 -25.75 -3.17
N THR A 383 -0.92 -26.18 -2.79
CA THR A 383 -0.05 -25.37 -1.95
C THR A 383 1.04 -24.64 -2.73
N GLN A 384 1.18 -24.90 -4.03
CA GLN A 384 2.31 -24.37 -4.78
C GLN A 384 1.82 -23.90 -6.14
N LEU A 385 2.17 -22.67 -6.51
CA LEU A 385 1.83 -22.13 -7.82
C LEU A 385 3.06 -22.22 -8.72
N MET A 386 2.98 -23.01 -9.78
CA MET A 386 4.10 -23.17 -10.70
C MET A 386 3.88 -22.30 -11.92
N ILE A 387 4.87 -21.45 -12.22
CA ILE A 387 4.84 -20.55 -13.36
C ILE A 387 6.06 -20.85 -14.22
N ARG A 388 5.86 -20.96 -15.53
CA ARG A 388 6.98 -21.29 -16.41
C ARG A 388 7.65 -20.06 -17.01
N SER A 389 6.96 -18.92 -17.11
CA SER A 389 7.36 -17.87 -18.04
C SER A 389 7.52 -16.53 -17.32
N TYR A 390 8.15 -15.57 -17.99
CA TYR A 390 8.11 -14.17 -17.55
C TYR A 390 6.98 -13.47 -18.30
N GLU A 391 6.13 -12.75 -17.55
CA GLU A 391 5.03 -11.98 -18.12
C GLU A 391 4.89 -10.71 -17.29
N LEU A 392 4.24 -9.71 -17.87
CA LEU A 392 4.08 -8.46 -17.13
C LEU A 392 2.88 -7.70 -17.66
N GLY A 393 2.08 -7.15 -16.75
CA GLY A 393 0.96 -6.30 -17.10
C GLY A 393 0.73 -5.26 -16.02
N VAL A 394 -0.24 -4.38 -16.25
CA VAL A 394 -0.63 -3.41 -15.22
C VAL A 394 -2.14 -3.44 -15.05
N LEU A 395 -2.58 -3.30 -13.81
CA LEU A 395 -3.97 -3.44 -13.42
C LEU A 395 -4.53 -2.08 -13.03
N PHE A 396 -5.64 -1.70 -13.65
CA PHE A 396 -6.35 -0.47 -13.34
C PHE A 396 -7.51 -0.83 -12.44
N LEU A 397 -7.47 -0.32 -11.19
CA LEU A 397 -8.51 -0.52 -10.18
C LEU A 397 -9.18 0.81 -9.87
N PRO A 398 -10.51 0.86 -9.88
CA PRO A 398 -11.22 2.12 -9.55
C PRO A 398 -10.77 2.75 -8.24
N SER A 399 -10.52 1.92 -7.22
CA SER A 399 -10.08 2.44 -5.93
C SER A 399 -8.79 3.25 -6.08
N ALA A 400 -7.93 2.88 -7.03
CA ALA A 400 -6.69 3.63 -7.23
C ALA A 400 -6.95 4.99 -7.86
N PHE A 401 -8.17 5.27 -8.28
CA PHE A 401 -8.50 6.56 -8.85
C PHE A 401 -9.59 7.27 -8.06
N GLY A 402 -9.89 6.82 -6.86
CA GLY A 402 -10.94 7.43 -6.07
C GLY A 402 -12.34 7.11 -6.57
N LEU A 403 -12.52 5.94 -7.19
CA LEU A 403 -13.77 5.58 -7.84
C LEU A 403 -14.26 4.22 -7.36
N ASP A 404 -15.57 3.98 -7.54
CA ASP A 404 -16.14 2.67 -7.27
C ASP A 404 -16.11 1.77 -8.50
N SER A 405 -16.21 2.35 -9.69
CA SER A 405 -16.12 1.59 -10.92
C SER A 405 -15.69 2.57 -12.00
N PHE A 406 -15.34 2.03 -13.17
CA PHE A 406 -15.05 2.85 -14.34
C PHE A 406 -16.23 2.77 -15.29
N LYS A 407 -16.66 3.92 -15.81
N LYS A 407 -16.68 3.92 -15.79
CA LYS A 407 -17.56 3.90 -16.95
CA LYS A 407 -17.55 3.89 -16.95
C LYS A 407 -16.78 3.52 -18.20
C LYS A 407 -16.74 3.45 -18.16
N VAL A 408 -17.39 2.73 -19.06
CA VAL A 408 -16.74 2.32 -20.30
C VAL A 408 -16.87 3.44 -21.32
N LYS A 409 -15.74 3.84 -21.91
CA LYS A 409 -15.75 4.87 -22.94
C LYS A 409 -16.45 4.37 -24.19
N GLN A 410 -17.38 5.17 -24.72
CA GLN A 410 -18.23 4.66 -25.80
C GLN A 410 -17.46 4.61 -27.12
N LYS A 411 -16.64 5.62 -27.39
CA LYS A 411 -15.74 5.61 -28.55
C LYS A 411 -14.32 5.79 -28.04
N PHE A 412 -13.41 4.91 -28.47
CA PHE A 412 -12.10 4.82 -27.82
C PHE A 412 -11.33 6.14 -27.94
N PHE A 413 -11.44 6.82 -29.08
CA PHE A 413 -10.67 8.02 -29.36
C PHE A 413 -11.50 9.30 -29.24
N ALA A 414 -12.67 9.25 -28.60
CA ALA A 414 -13.57 10.39 -28.53
C ALA A 414 -13.34 11.18 -27.23
N GLY A 415 -14.17 12.20 -27.02
CA GLY A 415 -14.03 13.06 -25.87
C GLY A 415 -15.15 12.93 -24.84
N SER A 416 -14.94 12.07 -23.85
CA SER A 416 -15.95 11.81 -22.83
C SER A 416 -16.27 13.06 -22.03
N GLN A 417 -17.38 13.00 -21.29
CA GLN A 417 -17.77 14.09 -20.41
C GLN A 417 -17.03 14.06 -19.08
N GLU A 418 -16.45 12.93 -18.70
CA GLU A 418 -15.63 12.83 -17.50
C GLU A 418 -14.52 11.83 -17.77
N PRO A 419 -13.41 12.27 -18.39
CA PRO A 419 -12.36 11.32 -18.78
C PRO A 419 -11.67 10.64 -17.62
N MET A 420 -11.62 11.28 -16.45
CA MET A 420 -11.02 10.67 -15.26
C MET A 420 -11.88 9.54 -14.71
N ALA A 421 -13.09 9.35 -15.23
CA ALA A 421 -13.93 8.27 -14.77
C ALA A 421 -14.30 7.28 -15.87
N THR A 422 -13.72 7.44 -17.07
N THR A 422 -13.88 7.52 -17.11
N THR A 422 -13.91 7.52 -17.13
CA THR A 422 -14.19 6.76 -18.27
CA THR A 422 -14.28 6.69 -18.24
CA THR A 422 -14.31 6.65 -18.23
C THR A 422 -13.05 6.00 -18.94
C THR A 422 -13.04 6.00 -18.82
C THR A 422 -13.07 5.99 -18.83
N PHE A 423 -13.07 4.68 -18.81
CA PHE A 423 -11.92 3.89 -19.26
C PHE A 423 -12.02 3.52 -20.73
N PRO A 424 -10.94 3.71 -21.51
CA PRO A 424 -10.92 3.42 -22.96
C PRO A 424 -10.73 1.93 -23.25
N VAL A 425 -11.83 1.19 -23.20
CA VAL A 425 -11.79 -0.20 -23.64
C VAL A 425 -11.60 -0.24 -25.15
N PRO A 426 -10.61 -0.96 -25.66
CA PRO A 426 -10.23 -0.83 -27.08
C PRO A 426 -11.00 -1.69 -28.08
N TYR A 427 -11.92 -2.54 -27.63
CA TYR A 427 -12.72 -3.35 -28.54
C TYR A 427 -14.18 -3.30 -28.10
N ASP A 428 -15.07 -3.86 -28.93
CA ASP A 428 -16.50 -3.66 -28.77
C ASP A 428 -17.08 -4.56 -27.69
N LEU A 429 -18.08 -4.02 -26.99
CA LEU A 429 -18.91 -4.71 -26.03
C LEU A 429 -20.38 -4.56 -26.40
N PRO A 430 -21.21 -5.60 -26.19
CA PRO A 430 -20.79 -6.92 -25.70
C PRO A 430 -20.02 -7.70 -26.77
N PRO A 431 -19.13 -8.61 -26.37
CA PRO A 431 -18.43 -9.44 -27.36
C PRO A 431 -19.43 -10.32 -28.08
N GLU A 432 -19.14 -10.63 -29.34
CA GLU A 432 -20.06 -11.37 -30.19
C GLU A 432 -19.60 -12.82 -30.31
N LEU A 433 -20.47 -13.76 -29.95
CA LEU A 433 -20.13 -15.18 -30.01
C LEU A 433 -19.83 -15.61 -31.44
N TYR A 434 -18.89 -16.55 -31.60
CA TYR A 434 -18.67 -17.18 -32.90
C TYR A 434 -20.00 -17.65 -33.50
N GLY A 435 -20.14 -17.52 -34.82
CA GLY A 435 -21.26 -18.14 -35.49
C GLY A 435 -21.00 -19.63 -35.69
N SER A 436 -22.05 -20.36 -36.10
CA SER A 436 -21.90 -21.81 -36.23
C SER A 436 -20.89 -22.20 -37.31
N LYS A 437 -20.64 -21.33 -38.28
CA LYS A 437 -19.65 -21.57 -39.33
C LYS A 437 -18.26 -21.08 -38.96
N ASP A 438 -18.11 -20.38 -37.85
CA ASP A 438 -16.79 -19.85 -37.51
C ASP A 438 -15.95 -20.92 -36.83
N ARG A 439 -14.64 -20.71 -36.91
CA ARG A 439 -13.65 -21.59 -36.30
C ARG A 439 -12.56 -20.72 -35.71
N PRO A 440 -11.95 -21.14 -34.61
CA PRO A 440 -10.84 -20.35 -34.08
C PRO A 440 -9.68 -20.41 -35.06
N TRP A 441 -8.96 -19.30 -35.19
CA TRP A 441 -7.75 -19.33 -36.00
C TRP A 441 -6.76 -20.35 -35.44
N ILE A 442 -6.36 -21.30 -36.28
CA ILE A 442 -5.38 -22.32 -35.95
C ILE A 442 -4.28 -22.22 -36.99
N TRP A 443 -3.05 -21.93 -36.55
CA TRP A 443 -2.05 -21.40 -37.48
C TRP A 443 -1.33 -22.45 -38.31
N ASN A 444 -1.40 -23.74 -37.96
CA ASN A 444 -0.64 -24.75 -38.71
C ASN A 444 -1.52 -25.73 -39.48
N ILE A 445 -2.68 -25.27 -39.97
CA ILE A 445 -3.46 -26.03 -40.95
C ILE A 445 -3.77 -25.09 -42.11
N PRO A 446 -4.03 -25.64 -43.30
CA PRO A 446 -4.23 -24.78 -44.47
C PRO A 446 -5.65 -24.21 -44.54
N TYR A 447 -5.74 -23.01 -45.13
CA TYR A 447 -7.02 -22.38 -45.45
C TYR A 447 -6.98 -21.99 -46.93
N VAL A 448 -7.76 -22.69 -47.75
CA VAL A 448 -7.63 -22.58 -49.19
C VAL A 448 -8.99 -22.46 -49.85
N LYS A 449 -10.03 -22.16 -49.08
CA LYS A 449 -11.37 -22.04 -49.65
C LYS A 449 -11.72 -20.62 -50.07
N ALA A 450 -11.15 -19.61 -49.41
CA ALA A 450 -11.40 -18.22 -49.75
C ALA A 450 -10.12 -17.44 -49.53
N PRO A 451 -9.77 -16.56 -50.47
CA PRO A 451 -8.52 -15.81 -50.35
C PRO A 451 -8.63 -14.61 -49.41
N ASP A 452 -7.46 -14.12 -48.98
CA ASP A 452 -7.41 -13.03 -48.02
C ASP A 452 -7.38 -11.69 -48.76
N THR A 453 -7.19 -10.62 -47.99
CA THR A 453 -7.25 -9.26 -48.51
C THR A 453 -6.11 -8.94 -49.46
N HIS A 454 -5.06 -9.76 -49.50
CA HIS A 454 -3.97 -9.62 -50.45
C HIS A 454 -4.06 -10.59 -51.62
N GLY A 455 -5.10 -11.43 -51.66
CA GLY A 455 -5.30 -12.36 -52.76
C GLY A 455 -4.75 -13.76 -52.55
N ASN A 456 -4.34 -14.11 -51.34
CA ASN A 456 -3.59 -15.32 -51.09
C ASN A 456 -4.35 -16.33 -50.23
N MET A 457 -3.95 -17.60 -50.36
CA MET A 457 -4.38 -18.64 -49.43
C MET A 457 -3.32 -18.79 -48.34
N TRP A 458 -3.57 -19.73 -47.42
CA TRP A 458 -2.67 -20.02 -46.31
C TRP A 458 -2.28 -21.48 -46.39
N VAL A 459 -1.01 -21.75 -46.71
CA VAL A 459 -0.53 -23.12 -46.86
C VAL A 459 0.73 -23.27 -46.02
N PRO A 460 0.62 -23.69 -44.76
CA PRO A 460 1.76 -23.80 -43.85
C PRO A 460 2.56 -25.08 -44.05
N ASN B 15 13.24 18.34 12.01
CA ASN B 15 12.27 17.32 12.44
C ASN B 15 11.46 16.74 11.27
N PRO B 16 12.10 15.98 10.38
CA PRO B 16 11.37 15.44 9.21
C PRO B 16 10.43 14.30 9.54
N PHE B 17 10.49 13.74 10.74
CA PHE B 17 9.51 12.74 11.18
C PHE B 17 8.24 13.38 11.73
N GLN B 18 8.30 14.67 12.09
CA GLN B 18 7.15 15.41 12.64
C GLN B 18 6.65 14.79 13.93
N PHE B 19 7.59 14.28 14.73
CA PHE B 19 7.32 13.76 16.05
C PHE B 19 7.80 14.80 17.07
N TYR B 20 6.90 15.23 17.96
CA TYR B 20 7.16 16.30 18.91
C TYR B 20 6.81 15.88 20.33
N LEU B 21 7.43 16.54 21.29
CA LEU B 21 7.01 16.48 22.68
C LEU B 21 6.25 17.76 23.02
N THR B 22 5.37 17.66 24.01
CA THR B 22 4.72 18.86 24.51
C THR B 22 5.69 19.71 25.32
N ARG B 23 5.36 21.00 25.43
CA ARG B 23 6.14 21.91 26.25
C ARG B 23 6.06 21.51 27.73
N VAL B 24 7.17 21.66 28.44
CA VAL B 24 7.22 21.35 29.87
C VAL B 24 7.58 22.62 30.63
N SER B 25 6.68 23.03 31.53
N SER B 25 6.69 23.02 31.54
CA SER B 25 6.96 24.18 32.37
CA SER B 25 6.95 24.19 32.38
C SER B 25 7.95 23.79 33.45
C SER B 25 7.93 23.82 33.49
N GLY B 26 9.01 24.58 33.61
CA GLY B 26 10.00 24.34 34.63
C GLY B 26 11.27 23.64 34.18
N VAL B 27 11.44 23.43 32.87
CA VAL B 27 12.73 23.02 32.34
C VAL B 27 13.37 24.20 31.61
N LYS B 28 14.69 24.12 31.42
CA LYS B 28 15.43 25.14 30.69
C LYS B 28 14.81 25.37 29.32
N PRO B 29 14.84 26.60 28.80
CA PRO B 29 14.24 26.86 27.48
C PRO B 29 14.78 25.97 26.37
N LYS B 30 16.05 25.55 26.44
CA LYS B 30 16.57 24.70 25.37
C LYS B 30 15.86 23.36 25.28
N TYR B 31 15.24 22.90 26.38
CA TYR B 31 14.46 21.68 26.31
C TYR B 31 13.03 21.89 25.84
N ASN B 32 12.63 23.13 25.55
CA ASN B 32 11.34 23.38 24.93
C ASN B 32 11.47 23.89 23.50
N SER B 33 12.69 23.96 22.97
CA SER B 33 12.90 24.61 21.67
C SER B 33 12.09 23.95 20.57
N GLY B 34 12.22 22.64 20.40
CA GLY B 34 11.38 21.96 19.42
C GLY B 34 10.05 21.43 19.93
N ALA B 35 9.58 21.85 21.10
CA ALA B 35 8.36 21.30 21.69
C ALA B 35 7.15 22.11 21.26
N LEU B 36 5.97 21.52 21.42
CA LEU B 36 4.72 22.16 21.01
C LEU B 36 3.76 22.23 22.20
N HIS B 37 3.22 23.42 22.44
CA HIS B 37 2.02 23.55 23.27
C HIS B 37 0.79 23.44 22.39
N ILE B 38 -0.34 23.13 23.02
CA ILE B 38 -1.60 23.05 22.28
C ILE B 38 -1.88 24.38 21.58
N LYS B 39 -1.61 25.52 22.25
CA LYS B 39 -1.80 26.81 21.59
C LYS B 39 -1.00 26.91 20.30
N ASP B 40 0.21 26.33 20.26
CA ASP B 40 0.98 26.33 19.02
C ASP B 40 0.30 25.50 17.95
N ILE B 41 -0.24 24.35 18.33
CA ILE B 41 -0.88 23.48 17.35
C ILE B 41 -2.07 24.18 16.70
N LEU B 42 -2.86 24.91 17.48
CA LEU B 42 -4.06 25.57 16.99
C LEU B 42 -3.82 26.98 16.45
N SER B 43 -2.56 27.43 16.43
CA SER B 43 -2.23 28.79 16.04
C SER B 43 -2.61 29.06 14.58
N PRO B 44 -2.94 30.31 14.23
N PRO B 44 -2.93 30.31 14.23
CA PRO B 44 -3.22 30.63 12.82
CA PRO B 44 -3.21 30.63 12.82
C PRO B 44 -2.05 30.35 11.89
C PRO B 44 -2.05 30.35 11.89
N LEU B 45 -0.83 30.19 12.44
CA LEU B 45 0.32 29.85 11.61
C LEU B 45 0.22 28.44 11.04
N PHE B 46 -0.62 27.58 11.64
CA PHE B 46 -0.83 26.23 11.14
C PHE B 46 -1.97 26.14 10.12
N GLY B 47 -2.74 27.20 9.94
CA GLY B 47 -3.84 27.20 8.99
C GLY B 47 -5.00 28.06 9.51
N THR B 48 -5.86 28.47 8.58
CA THR B 48 -7.03 29.28 8.91
C THR B 48 -8.20 28.35 9.23
N LEU B 49 -8.47 28.17 10.52
CA LEU B 49 -9.36 27.11 10.99
C LEU B 49 -10.81 27.34 10.58
N VAL B 50 -11.44 26.28 10.08
CA VAL B 50 -12.84 26.29 9.70
C VAL B 50 -13.68 25.45 10.65
N SER B 51 -13.16 24.30 11.06
N SER B 51 -13.15 24.30 11.08
CA SER B 51 -13.82 23.44 12.02
CA SER B 51 -13.84 23.36 11.94
C SER B 51 -12.78 22.47 12.57
C SER B 51 -12.80 22.41 12.52
N SER B 52 -13.14 21.80 13.66
CA SER B 52 -12.22 20.82 14.23
C SER B 52 -13.00 19.74 14.97
N ALA B 53 -12.37 18.58 15.08
CA ALA B 53 -12.82 17.51 15.94
C ALA B 53 -11.72 17.20 16.94
N GLN B 54 -12.11 17.04 18.21
CA GLN B 54 -11.18 16.68 19.27
C GLN B 54 -11.63 15.34 19.83
N PHE B 55 -10.90 14.29 19.48
CA PHE B 55 -11.09 12.97 20.07
C PHE B 55 -10.29 12.94 21.36
N ASN B 56 -10.91 12.56 22.46
CA ASN B 56 -10.10 12.44 23.66
C ASN B 56 -10.82 11.60 24.70
N TYR B 57 -10.18 11.50 25.86
CA TYR B 57 -10.73 10.81 27.02
C TYR B 57 -11.33 11.82 27.99
N CYS B 58 -10.48 12.66 28.57
N CYS B 58 -10.50 12.71 28.53
CA CYS B 58 -10.91 13.71 29.48
CA CYS B 58 -10.92 13.70 29.51
C CYS B 58 -10.92 15.06 28.77
C CYS B 58 -10.80 15.11 28.96
N PHE B 59 -11.82 15.93 29.20
CA PHE B 59 -11.96 17.27 28.63
C PHE B 59 -12.18 18.31 29.73
N ASP B 60 -11.50 19.44 29.62
CA ASP B 60 -11.86 20.69 30.33
C ASP B 60 -12.25 21.68 29.25
N VAL B 61 -13.56 21.85 29.04
CA VAL B 61 -14.03 22.59 27.87
C VAL B 61 -13.68 24.06 27.98
N ASP B 62 -13.88 24.66 29.17
CA ASP B 62 -13.46 26.04 29.40
C ASP B 62 -12.00 26.24 29.01
N TRP B 63 -11.11 25.41 29.54
CA TRP B 63 -9.70 25.49 29.18
C TRP B 63 -9.49 25.25 27.68
N LEU B 64 -10.19 24.26 27.11
CA LEU B 64 -9.95 23.90 25.71
C LEU B 64 -10.23 25.08 24.78
N VAL B 65 -11.38 25.74 24.95
CA VAL B 65 -11.72 26.85 24.06
C VAL B 65 -10.69 27.97 24.16
N LYS B 66 -10.15 28.18 25.36
CA LYS B 66 -9.14 29.23 25.52
C LYS B 66 -7.83 28.89 24.82
N GLN B 67 -7.58 27.61 24.54
CA GLN B 67 -6.39 27.24 23.77
C GLN B 67 -6.55 27.55 22.29
N TYR B 68 -7.77 27.71 21.80
CA TYR B 68 -7.96 28.16 20.43
C TYR B 68 -7.66 29.65 20.35
N PRO B 69 -7.08 30.10 19.23
CA PRO B 69 -6.92 31.54 19.03
C PRO B 69 -8.26 32.23 19.12
N PRO B 70 -8.30 33.47 19.64
CA PRO B 70 -9.61 34.15 19.82
C PRO B 70 -10.46 34.17 18.56
N GLU B 71 -9.85 34.44 17.41
CA GLU B 71 -10.60 34.50 16.16
C GLU B 71 -11.21 33.15 15.75
N PHE B 72 -10.69 32.04 16.28
CA PHE B 72 -11.21 30.73 15.92
C PHE B 72 -12.10 30.13 16.99
N ARG B 73 -12.36 30.86 18.09
CA ARG B 73 -13.05 30.25 19.22
C ARG B 73 -14.53 30.02 18.97
N LYS B 74 -15.11 30.56 17.90
CA LYS B 74 -16.51 30.29 17.57
C LYS B 74 -16.66 29.28 16.45
N LYS B 75 -15.56 28.80 15.86
CA LYS B 75 -15.67 27.77 14.84
C LYS B 75 -16.19 26.47 15.44
N PRO B 76 -16.93 25.67 14.66
CA PRO B 76 -17.50 24.43 15.20
C PRO B 76 -16.42 23.50 15.73
N ILE B 77 -16.70 22.90 16.89
CA ILE B 77 -15.85 21.91 17.52
C ILE B 77 -16.70 20.69 17.84
N LEU B 78 -16.20 19.52 17.47
CA LEU B 78 -16.83 18.24 17.78
C LEU B 78 -15.99 17.55 18.84
N LEU B 79 -16.60 17.26 19.99
CA LEU B 79 -15.95 16.50 21.05
C LEU B 79 -16.34 15.03 20.90
N VAL B 80 -15.38 14.17 20.63
CA VAL B 80 -15.60 12.74 20.52
C VAL B 80 -15.07 12.09 21.79
N HIS B 81 -15.99 11.49 22.56
CA HIS B 81 -15.72 11.04 23.92
C HIS B 81 -16.40 9.69 24.15
N GLY B 82 -16.12 9.09 25.29
CA GLY B 82 -16.74 7.81 25.63
C GLY B 82 -17.62 7.82 26.87
N ASP B 83 -17.89 9.00 27.43
CA ASP B 83 -18.55 9.07 28.73
C ASP B 83 -20.01 8.61 28.66
N LYS B 84 -20.52 8.14 29.81
CA LYS B 84 -21.90 7.67 29.92
C LYS B 84 -22.54 8.20 31.20
N ARG B 85 -23.86 8.11 31.25
CA ARG B 85 -24.68 8.31 32.45
C ARG B 85 -24.35 9.67 33.06
N GLU B 86 -23.99 9.76 34.34
CA GLU B 86 -23.72 11.04 34.98
C GLU B 86 -22.47 11.72 34.40
N ALA B 87 -21.45 10.93 34.06
CA ALA B 87 -20.27 11.49 33.41
C ALA B 87 -20.63 12.16 32.09
N LYS B 88 -21.48 11.52 31.30
CA LYS B 88 -21.91 12.11 30.02
C LYS B 88 -22.70 13.39 30.25
N ALA B 89 -23.59 13.39 31.24
CA ALA B 89 -24.32 14.62 31.57
C ALA B 89 -23.36 15.74 31.93
N HIS B 90 -22.35 15.45 32.75
CA HIS B 90 -21.39 16.48 33.16
C HIS B 90 -20.68 17.08 31.94
N LEU B 91 -20.32 16.25 30.97
CA LEU B 91 -19.62 16.78 29.80
C LEU B 91 -20.53 17.70 28.99
N HIS B 92 -21.76 17.27 28.71
CA HIS B 92 -22.73 18.14 28.05
C HIS B 92 -22.88 19.47 28.79
N ALA B 93 -22.92 19.43 30.13
CA ALA B 93 -23.04 20.66 30.90
C ALA B 93 -21.83 21.57 30.70
N GLN B 94 -20.62 21.00 30.69
CA GLN B 94 -19.43 21.76 30.37
C GLN B 94 -19.56 22.49 29.04
N ALA B 95 -20.09 21.81 28.03
CA ALA B 95 -20.12 22.36 26.67
C ALA B 95 -21.30 23.29 26.43
N LYS B 96 -22.32 23.26 27.27
CA LYS B 96 -23.55 24.04 27.01
C LYS B 96 -23.33 25.52 26.72
N PRO B 97 -22.45 26.26 27.43
CA PRO B 97 -22.29 27.68 27.11
C PRO B 97 -21.83 27.98 25.69
N TYR B 98 -21.14 27.03 25.03
CA TYR B 98 -20.55 27.24 23.70
C TYR B 98 -21.46 26.57 22.67
N GLU B 99 -22.32 27.35 22.02
CA GLU B 99 -23.27 26.82 21.06
C GLU B 99 -22.58 26.20 19.84
N ASN B 100 -21.30 26.49 19.62
CA ASN B 100 -20.56 25.93 18.50
C ASN B 100 -19.96 24.55 18.81
N ILE B 101 -20.19 24.02 20.00
CA ILE B 101 -19.60 22.75 20.39
C ILE B 101 -20.66 21.66 20.29
N SER B 102 -20.37 20.67 19.46
CA SER B 102 -21.16 19.45 19.34
C SER B 102 -20.41 18.29 20.00
N LEU B 103 -21.15 17.26 20.37
CA LEU B 103 -20.58 16.10 21.03
C LEU B 103 -20.98 14.80 20.34
N CYS B 104 -20.03 13.85 20.33
CA CYS B 104 -20.16 12.51 19.78
C CYS B 104 -19.78 11.49 20.84
N GLN B 105 -20.72 10.67 21.25
CA GLN B 105 -20.45 9.64 22.26
C GLN B 105 -20.09 8.35 21.54
N ALA B 106 -18.83 7.93 21.63
CA ALA B 106 -18.39 6.68 21.04
C ALA B 106 -19.03 5.51 21.76
N LYS B 107 -19.66 4.61 21.02
CA LYS B 107 -20.28 3.46 21.65
C LYS B 107 -19.21 2.56 22.25
N LEU B 108 -19.48 2.09 23.48
CA LEU B 108 -18.59 1.22 24.24
C LEU B 108 -19.37 -0.02 24.68
N ASP B 109 -19.63 -0.91 23.72
CA ASP B 109 -20.54 -2.02 23.95
C ASP B 109 -19.87 -3.22 24.62
N ILE B 110 -18.59 -3.15 24.93
CA ILE B 110 -17.89 -4.18 25.69
C ILE B 110 -17.55 -3.60 27.05
N ALA B 111 -17.84 -4.36 28.11
CA ALA B 111 -17.63 -3.84 29.46
C ALA B 111 -16.16 -3.53 29.70
N PHE B 112 -15.93 -2.54 30.57
CA PHE B 112 -14.60 -2.10 30.99
C PHE B 112 -13.79 -1.51 29.85
N GLY B 113 -14.47 -1.07 28.77
CA GLY B 113 -13.81 -0.37 27.70
C GLY B 113 -13.86 1.14 27.86
N THR B 114 -12.92 1.81 27.20
CA THR B 114 -12.76 3.25 27.33
C THR B 114 -12.47 3.84 25.94
N HIS B 115 -12.77 5.13 25.78
CA HIS B 115 -12.36 5.86 24.58
C HIS B 115 -11.09 6.64 24.91
N HIS B 116 -9.94 6.03 24.63
CA HIS B 116 -8.65 6.64 24.94
C HIS B 116 -8.03 7.42 23.79
N THR B 117 -8.49 7.21 22.56
CA THR B 117 -7.88 7.83 21.40
C THR B 117 -7.78 9.35 21.57
N LYS B 118 -6.60 9.89 21.23
CA LYS B 118 -6.35 11.32 21.30
C LYS B 118 -5.98 11.83 19.92
N MET B 119 -6.90 12.56 19.29
CA MET B 119 -6.67 12.98 17.93
C MET B 119 -7.36 14.30 17.70
N MET B 120 -6.72 15.15 16.90
CA MET B 120 -7.35 16.37 16.39
C MET B 120 -7.52 16.23 14.88
N LEU B 121 -8.71 16.55 14.39
CA LEU B 121 -8.95 16.78 12.97
C LEU B 121 -9.14 18.27 12.80
N LEU B 122 -8.29 18.89 11.97
CA LEU B 122 -8.24 20.35 11.86
C LEU B 122 -8.48 20.73 10.40
N LEU B 123 -9.67 21.26 10.11
CA LEU B 123 -10.03 21.65 8.74
C LEU B 123 -9.77 23.14 8.58
N TYR B 124 -8.94 23.48 7.60
CA TYR B 124 -8.56 24.86 7.30
C TYR B 124 -9.12 25.28 5.94
N GLU B 125 -9.07 26.59 5.71
CA GLU B 125 -9.29 27.10 4.35
C GLU B 125 -8.26 26.56 3.38
N GLU B 126 -7.07 26.22 3.88
CA GLU B 126 -5.95 25.80 3.05
C GLU B 126 -5.84 24.29 2.90
N GLY B 127 -6.61 23.54 3.64
CA GLY B 127 -6.45 22.10 3.60
C GLY B 127 -6.89 21.49 4.92
N LEU B 128 -6.30 20.34 5.22
CA LEU B 128 -6.67 19.54 6.38
C LEU B 128 -5.42 19.07 7.09
N ARG B 129 -5.45 19.05 8.42
CA ARG B 129 -4.38 18.46 9.21
C ARG B 129 -4.94 17.44 10.20
N VAL B 130 -4.15 16.40 10.46
CA VAL B 130 -4.47 15.37 11.43
C VAL B 130 -3.38 15.38 12.49
N VAL B 131 -3.78 15.39 13.76
CA VAL B 131 -2.83 15.33 14.87
C VAL B 131 -3.17 14.11 15.71
N ILE B 132 -2.21 13.23 15.91
CA ILE B 132 -2.40 12.07 16.78
C ILE B 132 -1.41 12.21 17.93
N HIS B 133 -1.91 12.22 19.16
CA HIS B 133 -1.07 12.61 20.29
C HIS B 133 -1.49 11.81 21.51
N THR B 134 -0.95 12.18 22.68
CA THR B 134 -1.16 11.38 23.89
C THR B 134 -1.76 12.16 25.05
N SER B 135 -2.08 13.46 24.90
CA SER B 135 -2.52 14.28 26.04
C SER B 135 -4.04 14.40 26.16
N ASN B 136 -4.54 14.31 27.40
CA ASN B 136 -5.92 14.71 27.64
C ASN B 136 -6.05 16.22 27.46
N LEU B 137 -7.28 16.68 27.23
CA LEU B 137 -7.53 18.09 26.99
C LEU B 137 -7.82 18.79 28.32
N ILE B 138 -6.86 18.69 29.23
CA ILE B 138 -6.91 19.35 30.53
C ILE B 138 -5.56 20.00 30.79
N HIS B 139 -5.55 21.09 31.58
CA HIS B 139 -4.33 21.85 31.78
C HIS B 139 -3.17 20.97 32.25
N ALA B 140 -3.45 20.06 33.19
CA ALA B 140 -2.37 19.29 33.80
C ALA B 140 -1.65 18.38 32.80
N ASP B 141 -2.31 17.95 31.73
CA ASP B 141 -1.64 17.03 30.82
C ASP B 141 -0.64 17.74 29.91
N TRP B 142 -0.73 19.06 29.78
CA TRP B 142 0.19 19.82 28.94
C TRP B 142 1.15 20.66 29.76
N HIS B 143 1.20 20.43 31.08
CA HIS B 143 1.96 21.34 31.92
C HIS B 143 3.36 20.79 32.21
N GLN B 144 3.47 19.70 32.98
CA GLN B 144 4.78 19.18 33.37
C GLN B 144 4.94 17.69 33.07
N LYS B 145 4.28 17.19 32.04
CA LYS B 145 4.36 15.79 31.67
C LYS B 145 5.10 15.63 30.34
N THR B 146 5.64 14.44 30.14
CA THR B 146 6.21 14.08 28.85
C THR B 146 5.08 13.47 28.03
N GLN B 147 4.72 14.14 26.93
CA GLN B 147 3.66 13.71 26.02
C GLN B 147 4.21 13.75 24.60
N GLY B 148 3.64 12.93 23.73
CA GLY B 148 4.08 12.84 22.35
C GLY B 148 3.01 13.29 21.38
N ILE B 149 3.45 13.89 20.26
CA ILE B 149 2.56 14.44 19.24
C ILE B 149 3.11 14.05 17.87
N TRP B 150 2.25 13.56 16.99
CA TRP B 150 2.56 13.45 15.56
C TRP B 150 1.73 14.48 14.79
N LEU B 151 2.39 15.30 13.98
CA LEU B 151 1.72 16.28 13.13
C LEU B 151 1.72 15.81 11.69
N SER B 152 0.53 15.67 11.11
CA SER B 152 0.44 15.38 9.69
C SER B 152 0.92 16.59 8.89
N PRO B 153 1.27 16.39 7.62
CA PRO B 153 1.45 17.52 6.71
C PRO B 153 0.13 18.25 6.53
N LEU B 154 0.21 19.45 5.95
CA LEU B 154 -0.99 20.12 5.47
C LEU B 154 -1.48 19.40 4.22
N TYR B 155 -2.63 18.75 4.31
CA TYR B 155 -3.16 18.00 3.18
C TYR B 155 -3.98 18.93 2.30
N PRO B 156 -3.63 19.12 1.03
CA PRO B 156 -4.45 19.96 0.16
C PRO B 156 -5.76 19.26 -0.22
N ARG B 157 -6.76 20.07 -0.57
CA ARG B 157 -8.00 19.50 -1.06
C ARG B 157 -7.80 18.98 -2.48
N ILE B 158 -8.49 17.90 -2.79
CA ILE B 158 -8.46 17.41 -4.16
C ILE B 158 -9.38 18.30 -5.00
N ALA B 159 -8.85 18.83 -6.10
CA ALA B 159 -9.64 19.64 -7.03
C ALA B 159 -10.96 18.95 -7.39
N ASP B 160 -12.08 19.53 -6.99
CA ASP B 160 -13.37 18.88 -7.23
C ASP B 160 -13.69 18.88 -8.71
N GLY B 161 -14.05 17.71 -9.24
CA GLY B 161 -14.00 17.41 -10.66
C GLY B 161 -12.85 16.51 -11.04
N THR B 162 -11.82 16.42 -10.19
CA THR B 162 -10.68 15.55 -10.40
C THR B 162 -10.87 14.26 -9.61
N HIS B 163 -10.57 13.13 -10.24
CA HIS B 163 -10.69 11.81 -9.63
C HIS B 163 -9.28 11.28 -9.33
N LYS B 164 -8.88 11.36 -8.06
CA LYS B 164 -7.63 10.78 -7.58
C LYS B 164 -7.89 10.16 -6.23
N SER B 165 -7.11 9.15 -5.88
CA SER B 165 -7.35 8.51 -4.59
C SER B 165 -6.94 9.40 -3.44
N GLY B 166 -5.90 10.22 -3.63
CA GLY B 166 -5.30 10.93 -2.52
C GLY B 166 -4.68 10.02 -1.48
N GLU B 167 -4.32 8.79 -1.86
CA GLU B 167 -3.85 7.79 -0.92
C GLU B 167 -2.32 7.82 -0.83
N SER B 168 -1.79 7.43 0.33
N SER B 168 -1.79 7.44 0.34
CA SER B 168 -0.35 7.38 0.58
CA SER B 168 -0.35 7.37 0.58
C SER B 168 0.18 5.96 0.45
C SER B 168 0.18 5.96 0.40
N PRO B 169 1.48 5.78 0.22
CA PRO B 169 2.04 4.42 0.20
C PRO B 169 1.77 3.64 1.48
N THR B 170 1.45 4.32 2.59
CA THR B 170 1.14 3.63 3.83
C THR B 170 -0.35 3.34 4.02
N HIS B 171 -1.18 3.66 3.03
CA HIS B 171 -2.62 3.41 3.08
C HIS B 171 -3.31 4.23 4.18
N PHE B 172 -2.67 5.33 4.59
CA PHE B 172 -3.15 6.09 5.76
C PHE B 172 -4.55 6.65 5.55
N LYS B 173 -4.84 7.12 4.34
CA LYS B 173 -6.16 7.72 4.10
C LYS B 173 -7.26 6.70 4.30
N ALA B 174 -7.21 5.57 3.58
CA ALA B 174 -8.18 4.51 3.79
C ALA B 174 -8.21 4.05 5.25
N ASP B 175 -7.04 3.91 5.88
CA ASP B 175 -7.00 3.33 7.23
C ASP B 175 -7.63 4.26 8.25
N LEU B 176 -7.45 5.58 8.07
CA LEU B 176 -8.08 6.52 8.98
C LEU B 176 -9.59 6.55 8.79
N ILE B 177 -10.05 6.49 7.52
CA ILE B 177 -11.49 6.42 7.29
C ILE B 177 -12.05 5.14 7.91
N SER B 178 -11.34 4.02 7.75
N SER B 178 -11.34 4.02 7.75
CA SER B 178 -11.78 2.77 8.36
CA SER B 178 -11.79 2.77 8.36
C SER B 178 -11.87 2.91 9.88
C SER B 178 -11.87 2.91 9.88
N TYR B 179 -10.93 3.62 10.48
CA TYR B 179 -10.97 3.84 11.93
C TYR B 179 -12.23 4.63 12.30
N LEU B 180 -12.52 5.71 11.57
CA LEU B 180 -13.70 6.50 11.89
C LEU B 180 -15.00 5.76 11.58
N MET B 181 -15.00 4.89 10.56
N MET B 181 -15.00 4.90 10.55
CA MET B 181 -16.20 4.13 10.24
CA MET B 181 -16.18 4.12 10.22
C MET B 181 -16.61 3.21 11.37
C MET B 181 -16.61 3.23 11.37
N ALA B 182 -15.65 2.78 12.19
CA ALA B 182 -15.96 1.85 13.27
C ALA B 182 -16.86 2.49 14.33
N TYR B 183 -16.85 3.82 14.44
CA TYR B 183 -17.72 4.51 15.39
C TYR B 183 -19.19 4.41 14.99
N ASN B 184 -19.46 4.32 13.69
CA ASN B 184 -20.83 4.32 13.18
C ASN B 184 -21.57 5.57 13.65
N ALA B 185 -20.90 6.72 13.60
CA ALA B 185 -21.44 7.95 14.15
C ALA B 185 -21.78 8.93 13.03
N PRO B 186 -22.98 9.52 13.02
CA PRO B 186 -23.31 10.46 11.94
C PRO B 186 -22.39 11.67 11.88
N SER B 187 -21.95 12.17 13.03
CA SER B 187 -21.06 13.33 13.03
C SER B 187 -19.68 12.97 12.47
N LEU B 188 -19.24 11.73 12.62
CA LEU B 188 -17.95 11.35 12.07
C LEU B 188 -18.04 11.04 10.59
N LYS B 189 -19.24 10.78 10.09
CA LYS B 189 -19.32 10.58 8.66
C LYS B 189 -19.14 11.88 7.89
N GLU B 190 -19.54 13.01 8.49
CA GLU B 190 -19.16 14.30 7.95
C GLU B 190 -17.65 14.43 7.85
N TRP B 191 -16.92 13.98 8.87
CA TRP B 191 -15.47 14.11 8.82
C TRP B 191 -14.85 13.11 7.84
N ILE B 192 -15.48 11.95 7.66
CA ILE B 192 -15.02 11.00 6.64
C ILE B 192 -15.12 11.62 5.25
N ASP B 193 -16.23 12.31 4.98
CA ASP B 193 -16.41 12.94 3.68
C ASP B 193 -15.43 14.09 3.49
N VAL B 194 -15.09 14.80 4.57
CA VAL B 194 -14.02 15.80 4.51
C VAL B 194 -12.70 15.15 4.11
N ILE B 195 -12.34 14.06 4.78
CA ILE B 195 -11.09 13.38 4.48
C ILE B 195 -11.06 12.89 3.03
N HIS B 196 -12.16 12.30 2.56
CA HIS B 196 -12.27 11.89 1.17
C HIS B 196 -11.87 13.00 0.21
N LYS B 197 -12.16 14.26 0.55
CA LYS B 197 -11.95 15.38 -0.35
C LYS B 197 -10.51 15.90 -0.34
N HIS B 198 -9.64 15.37 0.51
CA HIS B 198 -8.27 15.85 0.62
C HIS B 198 -7.27 14.80 0.15
N ASP B 199 -6.07 15.29 -0.16
CA ASP B 199 -4.96 14.49 -0.68
C ASP B 199 -4.02 14.19 0.48
N LEU B 200 -4.03 12.95 0.97
CA LEU B 200 -3.21 12.55 2.10
C LEU B 200 -1.97 11.77 1.65
N SER B 201 -1.60 11.88 0.38
CA SER B 201 -0.61 10.97 -0.20
C SER B 201 0.80 11.20 0.35
N GLU B 202 1.06 12.35 0.96
N GLU B 202 1.06 12.35 0.96
CA GLU B 202 2.36 12.62 1.56
CA GLU B 202 2.36 12.63 1.55
C GLU B 202 2.57 11.91 2.89
C GLU B 202 2.58 11.88 2.86
N THR B 203 1.56 11.22 3.42
CA THR B 203 1.70 10.61 4.73
C THR B 203 2.68 9.43 4.70
N ASN B 204 3.67 9.47 5.59
N ASN B 204 3.65 9.43 5.61
CA ASN B 204 4.71 8.45 5.67
CA ASN B 204 4.62 8.34 5.61
C ASN B 204 4.64 7.60 6.94
C ASN B 204 4.62 7.57 6.93
N VAL B 205 3.57 7.69 7.73
CA VAL B 205 3.38 6.83 8.90
C VAL B 205 2.21 5.89 8.62
N TYR B 206 2.21 4.76 9.33
CA TYR B 206 1.09 3.81 9.31
C TYR B 206 0.21 4.02 10.53
N LEU B 207 -1.10 3.94 10.31
CA LEU B 207 -2.06 4.07 11.40
C LEU B 207 -2.24 2.74 12.13
N ILE B 208 -2.21 2.76 13.46
CA ILE B 208 -2.51 1.57 14.25
C ILE B 208 -3.59 1.92 15.26
N GLY B 209 -4.81 1.48 15.00
CA GLY B 209 -5.91 1.76 15.90
C GLY B 209 -6.41 0.52 16.61
N SER B 210 -7.13 0.76 17.71
CA SER B 210 -7.94 -0.24 18.37
C SER B 210 -9.36 0.29 18.39
N THR B 211 -10.33 -0.59 18.13
CA THR B 211 -11.74 -0.28 18.32
C THR B 211 -12.39 -1.44 19.04
N PRO B 212 -13.45 -1.19 19.82
CA PRO B 212 -14.08 -2.30 20.56
C PRO B 212 -14.70 -3.29 19.60
N GLY B 213 -14.55 -4.57 19.90
CA GLY B 213 -15.20 -5.60 19.12
C GLY B 213 -14.57 -6.96 19.36
N ARG B 214 -15.11 -7.94 18.63
N ARG B 214 -15.10 -7.94 18.63
CA ARG B 214 -14.62 -9.31 18.63
CA ARG B 214 -14.59 -9.31 18.65
C ARG B 214 -14.35 -9.65 17.17
C ARG B 214 -14.34 -9.68 17.19
N PHE B 215 -13.08 -9.60 16.77
CA PHE B 215 -12.72 -9.70 15.37
C PHE B 215 -12.23 -11.11 15.05
N GLN B 216 -12.68 -11.64 13.91
CA GLN B 216 -12.29 -12.96 13.46
C GLN B 216 -11.87 -12.90 12.00
N GLY B 217 -11.25 -14.00 11.55
CA GLY B 217 -10.80 -14.07 10.18
C GLY B 217 -9.82 -12.96 9.86
N SER B 218 -9.95 -12.40 8.66
CA SER B 218 -9.05 -11.33 8.23
C SER B 218 -9.21 -10.09 9.10
N GLN B 219 -10.43 -9.84 9.60
CA GLN B 219 -10.70 -8.62 10.37
C GLN B 219 -9.80 -8.51 11.59
N LYS B 220 -9.28 -9.63 12.11
CA LYS B 220 -8.37 -9.55 13.24
C LYS B 220 -7.15 -8.71 12.93
N ASP B 221 -6.70 -8.72 11.67
CA ASP B 221 -5.50 -7.98 11.32
C ASP B 221 -5.73 -6.47 11.29
N ASN B 222 -6.96 -6.01 11.51
CA ASN B 222 -7.27 -4.59 11.37
C ASN B 222 -6.88 -3.76 12.58
N TRP B 223 -6.78 -4.36 13.76
CA TRP B 223 -6.72 -3.60 15.00
C TRP B 223 -5.72 -4.17 15.99
N GLY B 224 -5.29 -3.32 16.92
CA GLY B 224 -4.57 -3.76 18.10
C GLY B 224 -3.24 -4.41 17.75
N HIS B 225 -2.86 -5.42 18.53
CA HIS B 225 -1.53 -5.97 18.34
C HIS B 225 -1.44 -6.85 17.10
N PHE B 226 -2.56 -7.39 16.60
CA PHE B 226 -2.53 -8.08 15.31
C PHE B 226 -2.30 -7.10 14.16
N ARG B 227 -2.82 -5.89 14.27
CA ARG B 227 -2.54 -4.87 13.26
C ARG B 227 -1.05 -4.54 13.23
N LEU B 228 -0.42 -4.38 14.39
CA LEU B 228 1.02 -4.16 14.44
C LEU B 228 1.77 -5.33 13.81
N LYS B 229 1.38 -6.56 14.16
CA LYS B 229 2.04 -7.73 13.62
C LYS B 229 1.94 -7.76 12.09
N LYS B 230 0.76 -7.45 11.56
CA LYS B 230 0.58 -7.48 10.11
C LYS B 230 1.48 -6.44 9.43
N LEU B 231 1.55 -5.23 9.99
CA LEU B 231 2.42 -4.20 9.40
C LEU B 231 3.89 -4.61 9.47
N LEU B 232 4.32 -5.21 10.58
CA LEU B 232 5.72 -5.60 10.72
C LEU B 232 6.08 -6.71 9.74
N LYS B 233 5.14 -7.64 9.52
CA LYS B 233 5.36 -8.71 8.57
C LYS B 233 5.48 -8.17 7.15
N ASP B 234 4.58 -7.25 6.78
CA ASP B 234 4.46 -6.80 5.40
C ASP B 234 5.48 -5.72 5.03
N HIS B 235 5.94 -4.92 5.99
CA HIS B 235 6.66 -3.70 5.65
C HIS B 235 7.97 -3.51 6.41
N ALA B 236 8.41 -4.49 7.19
CA ALA B 236 9.73 -4.52 7.78
C ALA B 236 10.43 -5.80 7.37
N SER B 237 11.76 -5.79 7.43
CA SER B 237 12.57 -6.94 7.09
C SER B 237 13.27 -7.48 8.33
N SER B 238 13.51 -8.78 8.38
CA SER B 238 14.19 -9.36 9.53
C SER B 238 15.69 -9.33 9.26
N MET B 239 16.45 -8.76 10.20
CA MET B 239 17.91 -8.69 10.09
C MET B 239 18.54 -9.96 10.62
N PRO B 240 19.83 -10.18 10.33
CA PRO B 240 20.55 -11.27 11.00
C PRO B 240 20.57 -11.05 12.50
N ASN B 241 20.40 -12.15 13.24
CA ASN B 241 20.40 -12.12 14.70
C ASN B 241 19.36 -11.12 15.23
N ALA B 242 18.15 -11.23 14.68
CA ALA B 242 17.04 -10.42 15.18
C ALA B 242 16.70 -10.76 16.62
N GLU B 243 17.01 -11.99 17.06
CA GLU B 243 16.78 -12.37 18.45
C GLU B 243 17.50 -11.44 19.42
N SER B 244 18.57 -10.79 18.96
CA SER B 244 19.33 -9.88 19.80
C SER B 244 18.72 -8.50 19.87
N TRP B 245 17.78 -8.15 18.98
CA TRP B 245 17.20 -6.82 19.01
C TRP B 245 16.10 -6.77 20.06
N PRO B 246 16.29 -6.02 21.16
CA PRO B 246 15.26 -5.97 22.21
C PRO B 246 13.97 -5.33 21.73
N VAL B 247 12.93 -5.55 22.51
CA VAL B 247 11.66 -4.84 22.41
C VAL B 247 11.53 -3.94 23.62
N VAL B 248 11.12 -2.70 23.40
CA VAL B 248 10.91 -1.73 24.47
C VAL B 248 9.45 -1.30 24.46
N GLY B 249 8.81 -1.40 25.60
CA GLY B 249 7.47 -0.83 25.81
C GLY B 249 7.54 0.17 26.94
N GLN B 250 6.91 1.33 26.73
CA GLN B 250 6.97 2.45 27.66
C GLN B 250 5.55 3.01 27.80
N PHE B 251 5.03 3.09 29.03
CA PHE B 251 3.60 3.31 29.22
C PHE B 251 3.34 4.00 30.55
N SER B 252 2.08 4.38 30.76
CA SER B 252 1.70 5.07 31.98
C SER B 252 0.68 4.31 32.83
N SER B 253 0.25 3.13 32.39
CA SER B 253 -0.54 2.28 33.27
C SER B 253 -0.46 0.85 32.75
N VAL B 254 -0.87 -0.09 33.60
CA VAL B 254 -0.77 -1.51 33.32
C VAL B 254 -2.10 -2.16 33.67
N GLY B 255 -2.60 -3.03 32.77
CA GLY B 255 -3.78 -3.82 33.06
C GLY B 255 -3.42 -5.12 33.76
N SER B 256 -4.44 -5.92 34.04
CA SER B 256 -4.23 -7.24 34.61
C SER B 256 -3.78 -8.17 33.49
N LEU B 257 -2.53 -8.65 33.56
CA LEU B 257 -1.95 -9.41 32.45
C LEU B 257 -2.03 -10.92 32.64
N GLY B 258 -2.39 -11.39 33.83
CA GLY B 258 -2.49 -12.81 34.09
C GLY B 258 -1.50 -13.27 35.14
N ALA B 259 -1.57 -14.57 35.45
CA ALA B 259 -0.81 -15.13 36.57
C ALA B 259 0.68 -15.27 36.28
N ASP B 260 1.09 -15.22 35.01
CA ASP B 260 2.51 -15.30 34.66
C ASP B 260 2.67 -14.77 33.23
N GLU B 261 3.93 -14.76 32.77
CA GLU B 261 4.26 -14.23 31.44
C GLU B 261 3.50 -14.93 30.32
N SER B 262 3.25 -16.24 30.46
CA SER B 262 2.74 -17.05 29.38
C SER B 262 1.27 -16.77 29.08
N LYS B 263 0.55 -16.06 29.94
CA LYS B 263 -0.89 -15.90 29.72
C LYS B 263 -1.17 -14.93 28.59
N TRP B 264 -0.33 -13.91 28.41
CA TRP B 264 -0.59 -12.92 27.39
C TRP B 264 0.68 -12.15 27.00
N LEU B 265 1.45 -11.72 27.99
CA LEU B 265 2.52 -10.76 27.73
C LEU B 265 3.59 -11.34 26.81
N CYS B 266 4.23 -12.42 27.22
CA CYS B 266 5.27 -13.00 26.39
C CYS B 266 4.72 -14.04 25.42
N SER B 267 3.41 -14.29 25.45
N SER B 267 3.40 -14.29 25.47
CA SER B 267 2.81 -15.13 24.41
CA SER B 267 2.75 -15.11 24.47
C SER B 267 2.39 -14.25 23.25
C SER B 267 2.38 -14.24 23.27
N GLU B 268 1.12 -13.85 23.18
CA GLU B 268 0.64 -13.19 21.97
C GLU B 268 1.18 -11.76 21.83
N PHE B 269 1.27 -11.01 22.93
CA PHE B 269 1.68 -9.61 22.79
C PHE B 269 3.13 -9.50 22.34
N LYS B 270 4.04 -10.19 23.02
CA LYS B 270 5.44 -10.13 22.61
C LYS B 270 5.65 -10.78 21.26
N GLU B 271 4.90 -11.85 20.94
CA GLU B 271 5.05 -12.46 19.62
C GLU B 271 4.73 -11.47 18.51
N SER B 272 3.68 -10.67 18.70
CA SER B 272 3.35 -9.66 17.69
C SER B 272 4.45 -8.62 17.61
N MET B 273 4.95 -8.17 18.76
CA MET B 273 5.95 -7.12 18.82
C MET B 273 7.30 -7.54 18.25
N LEU B 274 7.60 -8.84 18.25
N LEU B 274 7.63 -8.82 18.24
CA LEU B 274 8.86 -9.35 17.72
CA LEU B 274 8.91 -9.24 17.70
C LEU B 274 8.84 -9.53 16.21
C LEU B 274 8.82 -9.67 16.24
N THR B 275 7.66 -9.51 15.61
CA THR B 275 7.53 -9.85 14.21
C THR B 275 8.35 -8.90 13.36
N LEU B 276 9.08 -9.48 12.39
CA LEU B 276 9.76 -8.71 11.35
C LEU B 276 9.76 -9.56 10.08
N GLY B 277 9.16 -9.05 9.02
CA GLY B 277 9.24 -9.74 7.75
C GLY B 277 8.31 -10.93 7.64
N LYS B 278 8.36 -11.59 6.48
CA LYS B 278 7.34 -12.53 6.07
C LYS B 278 7.67 -13.99 6.35
N GLU B 279 8.88 -14.29 6.81
CA GLU B 279 9.30 -15.66 7.03
C GLU B 279 9.26 -16.01 8.51
N SER B 280 9.06 -17.29 8.81
CA SER B 280 8.89 -17.75 10.18
C SER B 280 10.22 -17.89 10.92
N SER B 286 11.28 -17.64 23.00
CA SER B 286 11.96 -16.51 22.39
C SER B 286 12.98 -15.87 23.34
N SER B 287 14.20 -15.69 22.85
CA SER B 287 15.29 -15.11 23.63
C SER B 287 15.34 -13.59 23.55
N VAL B 288 14.33 -12.95 22.95
CA VAL B 288 14.38 -11.51 22.75
C VAL B 288 14.17 -10.81 24.09
N PRO B 289 15.08 -9.94 24.50
CA PRO B 289 14.87 -9.20 25.76
C PRO B 289 13.70 -8.24 25.63
N LEU B 290 12.91 -8.15 26.71
CA LEU B 290 11.78 -7.25 26.77
C LEU B 290 12.05 -6.23 27.88
N TYR B 291 12.11 -4.96 27.52
CA TYR B 291 12.31 -3.86 28.46
C TYR B 291 11.01 -3.08 28.60
N LEU B 292 10.49 -2.98 29.82
CA LEU B 292 9.29 -2.22 30.08
C LEU B 292 9.67 -1.02 30.93
N ILE B 293 9.29 0.17 30.48
CA ILE B 293 9.66 1.42 31.13
C ILE B 293 8.41 1.97 31.82
N TYR B 294 8.48 2.10 33.14
CA TYR B 294 7.36 2.57 33.93
C TYR B 294 7.88 3.26 35.18
N PRO B 295 7.36 4.43 35.54
CA PRO B 295 7.94 5.21 36.65
C PRO B 295 7.95 4.44 37.96
N SER B 296 9.10 4.46 38.63
CA SER B 296 9.16 3.98 40.00
C SER B 296 8.51 5.01 40.94
N VAL B 297 8.26 4.55 42.16
CA VAL B 297 7.82 5.47 43.21
C VAL B 297 8.78 6.65 43.31
N GLU B 298 10.08 6.36 43.30
N GLU B 298 10.08 6.36 43.28
CA GLU B 298 11.08 7.41 43.43
CA GLU B 298 11.07 7.44 43.44
C GLU B 298 11.00 8.40 42.26
C GLU B 298 11.06 8.40 42.25
N ASN B 299 10.83 7.88 41.03
CA ASN B 299 10.66 8.77 39.87
C ASN B 299 9.53 9.76 40.10
N VAL B 300 8.41 9.28 40.63
CA VAL B 300 7.26 10.15 40.84
C VAL B 300 7.52 11.10 41.99
N ARG B 301 8.07 10.59 43.10
CA ARG B 301 8.27 11.41 44.29
C ARG B 301 9.11 12.65 43.99
N THR B 302 10.17 12.50 43.18
CA THR B 302 11.06 13.62 42.89
C THR B 302 10.73 14.34 41.58
N SER B 303 9.58 14.05 40.97
CA SER B 303 9.21 14.66 39.69
C SER B 303 8.88 16.15 39.87
N LEU B 304 8.76 16.84 38.73
CA LEU B 304 8.32 18.25 38.78
C LEU B 304 7.01 18.41 39.54
N GLU B 305 6.09 17.46 39.41
CA GLU B 305 4.79 17.55 40.08
C GLU B 305 4.78 16.95 41.48
N GLY B 306 5.75 16.10 41.79
CA GLY B 306 5.71 15.32 43.02
C GLY B 306 4.73 14.17 42.90
N TYR B 307 4.26 13.71 44.07
CA TYR B 307 3.28 12.63 44.08
C TYR B 307 2.06 12.88 43.18
N PRO B 308 1.52 14.10 43.03
CA PRO B 308 0.35 14.27 42.14
C PRO B 308 0.58 13.82 40.70
N ALA B 309 1.84 13.69 40.25
CA ALA B 309 2.06 13.05 38.95
C ALA B 309 1.48 11.65 38.93
N GLY B 310 1.48 10.97 40.08
CA GLY B 310 0.93 9.64 40.14
C GLY B 310 -0.57 9.58 39.99
N GLY B 311 -1.26 10.72 40.02
CA GLY B 311 -2.68 10.69 39.71
C GLY B 311 -2.96 10.31 38.28
N SER B 312 -1.94 10.40 37.42
CA SER B 312 -2.05 10.04 36.01
C SER B 312 -1.24 8.80 35.67
N LEU B 313 -0.89 8.00 36.68
CA LEU B 313 -0.19 6.73 36.50
C LEU B 313 -1.00 5.66 37.23
N PRO B 314 -2.17 5.28 36.67
CA PRO B 314 -3.18 4.54 37.49
C PRO B 314 -2.99 3.02 37.52
N TYR B 315 -1.87 2.60 38.11
CA TYR B 315 -1.61 1.19 38.43
C TYR B 315 -2.10 0.92 39.84
N SER B 316 -3.10 0.05 39.98
CA SER B 316 -3.73 -0.16 41.27
C SER B 316 -3.09 -1.33 42.00
N ILE B 317 -3.15 -1.28 43.34
CA ILE B 317 -2.55 -2.34 44.15
C ILE B 317 -3.25 -3.67 43.89
N GLN B 318 -4.57 -3.64 43.64
CA GLN B 318 -5.31 -4.87 43.43
C GLN B 318 -4.86 -5.57 42.15
N THR B 319 -4.55 -4.81 41.11
CA THR B 319 -3.99 -5.43 39.90
C THR B 319 -2.54 -5.82 40.11
N ALA B 320 -1.75 -4.94 40.72
CA ALA B 320 -0.31 -5.18 40.85
C ALA B 320 -0.02 -6.42 41.70
N GLU B 321 -0.75 -6.61 42.79
CA GLU B 321 -0.41 -7.72 43.68
C GLU B 321 -0.73 -9.08 43.08
N LYS B 322 -1.51 -9.13 41.99
CA LYS B 322 -1.79 -10.37 41.28
C LYS B 322 -0.70 -10.73 40.28
N GLN B 323 0.25 -9.85 40.02
CA GLN B 323 1.20 -10.05 38.93
C GLN B 323 2.57 -9.48 39.31
N ASN B 324 3.08 -9.84 40.49
CA ASN B 324 4.39 -9.31 40.85
C ASN B 324 5.51 -9.87 39.98
N TRP B 325 5.27 -10.98 39.28
CA TRP B 325 6.22 -11.47 38.29
C TRP B 325 6.57 -10.41 37.26
N LEU B 326 5.65 -9.48 36.99
CA LEU B 326 5.84 -8.51 35.91
C LEU B 326 6.91 -7.49 36.25
N HIS B 327 7.07 -7.17 37.52
CA HIS B 327 7.91 -6.05 37.90
C HIS B 327 9.39 -6.33 37.72
N SER B 328 9.78 -7.60 37.49
CA SER B 328 11.14 -7.94 37.08
C SER B 328 11.50 -7.38 35.72
N TYR B 329 10.51 -6.97 34.92
CA TYR B 329 10.75 -6.37 33.62
C TYR B 329 10.86 -4.85 33.66
N PHE B 330 10.60 -4.23 34.82
CA PHE B 330 10.39 -2.79 34.86
C PHE B 330 11.71 -2.02 34.96
N HIS B 331 11.78 -0.94 34.19
CA HIS B 331 12.93 -0.05 34.12
C HIS B 331 12.47 1.38 34.41
N LYS B 332 13.37 2.17 35.00
CA LYS B 332 13.03 3.51 35.44
C LYS B 332 12.76 4.44 34.28
N TRP B 333 11.97 5.47 34.53
CA TRP B 333 11.86 6.58 33.58
C TRP B 333 13.12 7.43 33.67
N SER B 334 13.78 7.64 32.54
CA SER B 334 14.93 8.51 32.48
C SER B 334 14.94 9.16 31.11
N ALA B 335 15.10 10.48 31.05
CA ALA B 335 15.00 11.20 29.79
C ALA B 335 15.93 12.41 29.80
N GLU B 336 17.18 12.21 30.25
CA GLU B 336 18.19 13.26 30.13
C GLU B 336 18.29 13.78 28.70
N THR B 337 18.11 12.91 27.70
CA THR B 337 18.28 13.32 26.31
C THR B 337 17.33 14.45 25.92
N SER B 338 16.15 14.51 26.53
CA SER B 338 15.18 15.57 26.28
C SER B 338 14.94 16.45 27.51
N GLY B 339 15.81 16.35 28.51
CA GLY B 339 15.68 17.18 29.71
C GLY B 339 14.44 16.90 30.52
N ARG B 340 13.89 15.67 30.42
CA ARG B 340 12.56 15.40 30.93
C ARG B 340 12.53 14.24 31.95
N SER B 341 13.66 13.93 32.59
CA SER B 341 13.66 12.87 33.60
C SER B 341 12.68 13.15 34.73
N ASN B 342 12.39 14.42 35.00
CA ASN B 342 11.46 14.77 36.08
C ASN B 342 10.07 15.13 35.56
N ALA B 343 9.83 15.00 34.25
CA ALA B 343 8.51 15.22 33.65
C ALA B 343 7.90 13.85 33.41
N MET B 344 7.00 13.43 34.31
CA MET B 344 6.54 12.04 34.28
C MET B 344 5.86 11.71 32.94
N PRO B 345 6.02 10.48 32.45
CA PRO B 345 5.48 10.14 31.13
C PRO B 345 3.98 9.91 31.15
N HIS B 346 3.28 10.60 30.24
CA HIS B 346 1.95 10.20 29.83
C HIS B 346 1.94 9.78 28.36
N ILE B 347 3.06 9.98 27.66
CA ILE B 347 3.29 9.35 26.36
C ILE B 347 3.35 7.83 26.52
N LYS B 348 2.97 7.11 25.45
CA LYS B 348 3.21 5.67 25.36
C LYS B 348 3.97 5.43 24.07
N THR B 349 5.03 4.63 24.15
CA THR B 349 5.83 4.32 22.97
C THR B 349 6.25 2.86 23.01
N TYR B 350 6.49 2.30 21.82
CA TYR B 350 6.98 0.95 21.65
C TYR B 350 7.96 0.98 20.50
N MET B 351 9.08 0.27 20.64
CA MET B 351 10.09 0.32 19.59
C MET B 351 11.00 -0.91 19.67
N ARG B 352 11.87 -1.02 18.67
CA ARG B 352 12.66 -2.23 18.46
C ARG B 352 14.11 -1.82 18.20
N PRO B 353 14.87 -1.53 19.26
CA PRO B 353 16.27 -1.12 19.08
C PRO B 353 17.18 -2.28 18.74
N SER B 354 18.35 -1.92 18.20
CA SER B 354 19.43 -2.86 17.99
C SER B 354 20.03 -3.30 19.33
N PRO B 355 20.77 -4.42 19.37
CA PRO B 355 21.27 -4.95 20.67
C PRO B 355 22.08 -3.94 21.46
N ASP B 356 22.62 -2.95 20.75
CA ASP B 356 23.43 -1.87 21.30
C ASP B 356 22.69 -0.53 21.35
N PHE B 357 21.41 -0.49 21.00
CA PHE B 357 20.54 0.68 21.11
C PHE B 357 20.97 1.86 20.23
N SER B 358 21.84 1.62 19.25
CA SER B 358 22.23 2.71 18.36
C SER B 358 21.26 2.90 17.20
N LYS B 359 20.43 1.89 16.92
CA LYS B 359 19.49 1.96 15.82
C LYS B 359 18.15 1.43 16.31
N ILE B 360 17.09 1.72 15.56
CA ILE B 360 15.80 1.10 15.84
C ILE B 360 15.19 0.63 14.52
N ALA B 361 14.47 -0.49 14.59
CA ALA B 361 13.82 -1.05 13.41
C ALA B 361 12.43 -0.46 13.19
N TRP B 362 11.83 0.13 14.21
CA TRP B 362 10.56 0.84 14.09
C TRP B 362 10.31 1.56 15.40
N PHE B 363 9.32 2.47 15.36
CA PHE B 363 8.94 3.25 16.52
C PHE B 363 7.45 3.53 16.42
N LEU B 364 6.73 3.33 17.52
CA LEU B 364 5.31 3.59 17.62
C LEU B 364 5.04 4.55 18.77
N VAL B 365 4.25 5.61 18.52
CA VAL B 365 3.72 6.47 19.57
C VAL B 365 2.21 6.28 19.56
N THR B 366 1.61 6.10 20.73
CA THR B 366 0.22 5.68 20.76
C THR B 366 -0.42 6.06 22.08
N SER B 367 -1.74 5.95 22.13
CA SER B 367 -2.43 6.08 23.40
C SER B 367 -2.43 4.79 24.19
N ALA B 368 -2.07 3.66 23.57
CA ALA B 368 -2.28 2.33 24.18
C ALA B 368 -1.26 2.05 25.28
N ASN B 369 -1.78 1.86 26.50
CA ASN B 369 -0.98 1.39 27.62
C ASN B 369 -0.75 -0.12 27.50
N LEU B 370 -0.08 -0.69 28.50
CA LEU B 370 0.21 -2.13 28.50
C LEU B 370 -0.98 -2.87 29.11
N SER B 371 -2.01 -3.10 28.29
CA SER B 371 -3.22 -3.76 28.74
C SER B 371 -3.84 -4.55 27.60
N LYS B 372 -4.54 -5.63 27.97
CA LYS B 372 -5.32 -6.38 27.00
C LYS B 372 -6.49 -5.56 26.47
N ALA B 373 -7.05 -4.66 27.28
CA ALA B 373 -8.16 -3.85 26.83
C ALA B 373 -7.76 -3.00 25.63
N ALA B 374 -6.53 -2.48 25.65
CA ALA B 374 -6.02 -1.59 24.62
C ALA B 374 -5.53 -2.34 23.40
N TRP B 375 -4.83 -3.46 23.60
CA TRP B 375 -4.12 -4.15 22.52
C TRP B 375 -4.86 -5.36 21.99
N GLY B 376 -5.82 -5.89 22.75
CA GLY B 376 -6.56 -7.05 22.32
C GLY B 376 -6.06 -8.32 22.97
N ALA B 377 -6.98 -9.26 23.18
CA ALA B 377 -6.68 -10.58 23.74
C ALA B 377 -7.42 -11.63 22.94
N LEU B 378 -6.70 -12.67 22.53
CA LEU B 378 -7.31 -13.74 21.75
C LEU B 378 -8.32 -14.52 22.59
N GLU B 379 -9.42 -14.92 21.96
CA GLU B 379 -10.44 -15.75 22.57
C GLU B 379 -10.81 -16.88 21.61
N LYS B 380 -11.52 -17.87 22.15
CA LYS B 380 -12.06 -18.99 21.39
C LYS B 380 -10.96 -19.69 20.59
N ASN B 381 -9.97 -20.20 21.35
CA ASN B 381 -8.84 -20.95 20.80
C ASN B 381 -8.17 -20.22 19.63
N GLY B 382 -7.83 -18.96 19.88
CA GLY B 382 -7.05 -18.17 18.94
C GLY B 382 -7.80 -17.63 17.74
N THR B 383 -9.13 -17.81 17.69
CA THR B 383 -9.89 -17.43 16.51
C THR B 383 -10.46 -16.01 16.57
N GLN B 384 -10.62 -15.46 17.78
CA GLN B 384 -11.24 -14.16 17.98
C GLN B 384 -10.28 -13.25 18.74
N LEU B 385 -10.06 -12.05 18.23
CA LEU B 385 -9.32 -11.02 18.94
C LEU B 385 -10.35 -10.07 19.54
N MET B 386 -10.40 -10.01 20.87
CA MET B 386 -11.33 -9.16 21.59
C MET B 386 -10.62 -7.91 22.05
N ILE B 387 -11.15 -6.74 21.70
CA ILE B 387 -10.63 -5.45 22.11
C ILE B 387 -11.75 -4.68 22.83
N ARG B 388 -11.40 -4.01 23.93
CA ARG B 388 -12.40 -3.30 24.72
C ARG B 388 -12.47 -1.80 24.42
N SER B 389 -11.41 -1.20 23.89
CA SER B 389 -11.24 0.23 23.93
C SER B 389 -10.94 0.80 22.55
N TYR B 390 -11.10 2.13 22.44
CA TYR B 390 -10.56 2.90 21.32
C TYR B 390 -9.17 3.37 21.69
N GLU B 391 -8.20 3.09 20.81
CA GLU B 391 -6.82 3.54 20.94
C GLU B 391 -6.31 3.94 19.57
N LEU B 392 -5.29 4.78 19.53
CA LEU B 392 -4.75 5.18 18.23
C LEU B 392 -3.30 5.61 18.37
N GLY B 393 -2.47 5.15 17.43
CA GLY B 393 -1.09 5.59 17.33
C GLY B 393 -0.61 5.55 15.88
N VAL B 394 0.62 6.03 15.68
CA VAL B 394 1.24 6.00 14.35
C VAL B 394 2.58 5.29 14.46
N LEU B 395 2.88 4.53 13.42
CA LEU B 395 4.05 3.66 13.36
C LEU B 395 5.02 4.19 12.32
N PHE B 396 6.27 4.42 12.74
CA PHE B 396 7.35 4.82 11.85
C PHE B 396 8.13 3.58 11.47
N LEU B 397 8.11 3.24 10.17
CA LEU B 397 8.89 2.14 9.61
C LEU B 397 9.97 2.70 8.70
N PRO B 398 11.22 2.24 8.86
CA PRO B 398 12.28 2.71 7.96
C PRO B 398 11.95 2.58 6.47
N SER B 399 11.29 1.50 6.06
CA SER B 399 10.93 1.34 4.65
C SER B 399 10.07 2.49 4.12
N ALA B 400 9.22 3.08 4.97
CA ALA B 400 8.39 4.21 4.51
C ALA B 400 9.20 5.46 4.29
N PHE B 401 10.46 5.46 4.73
CA PHE B 401 11.37 6.59 4.55
C PHE B 401 12.53 6.23 3.64
N GLY B 402 12.48 5.09 2.97
CA GLY B 402 13.56 4.65 2.10
C GLY B 402 14.80 4.19 2.84
N LEU B 403 14.64 3.73 4.07
CA LEU B 403 15.77 3.31 4.89
C LEU B 403 15.61 1.86 5.34
N ASP B 404 16.72 1.29 5.79
CA ASP B 404 16.72 -0.03 6.39
C ASP B 404 16.52 0.00 7.89
N SER B 405 16.98 1.07 8.55
CA SER B 405 16.79 1.28 9.98
C SER B 405 16.84 2.78 10.23
N PHE B 406 16.46 3.16 11.45
CA PHE B 406 16.64 4.54 11.91
C PHE B 406 17.81 4.57 12.87
N LYS B 407 18.67 5.58 12.72
N LYS B 407 18.70 5.54 12.70
CA LYS B 407 19.68 5.86 13.74
CA LYS B 407 19.66 5.86 13.75
C LYS B 407 19.06 6.67 14.87
C LYS B 407 18.92 6.54 14.89
N VAL B 408 19.40 6.32 16.11
CA VAL B 408 18.82 7.00 17.27
C VAL B 408 19.53 8.34 17.45
N LYS B 409 18.74 9.41 17.56
CA LYS B 409 19.27 10.75 17.80
C LYS B 409 19.93 10.82 19.17
N GLN B 410 21.15 11.35 19.20
CA GLN B 410 21.90 11.29 20.45
C GLN B 410 21.38 12.30 21.46
N LYS B 411 21.12 13.53 21.03
CA LYS B 411 20.39 14.50 21.85
C LYS B 411 19.08 14.85 21.15
N PHE B 412 17.98 14.80 21.91
CA PHE B 412 16.65 14.92 21.32
C PHE B 412 16.43 16.27 20.64
N PHE B 413 16.98 17.35 21.20
CA PHE B 413 16.76 18.70 20.69
C PHE B 413 17.95 19.27 19.95
N ALA B 414 19.05 18.53 19.83
CA ALA B 414 20.22 19.04 19.11
C ALA B 414 20.10 18.70 17.63
N GLY B 415 21.09 19.15 16.85
CA GLY B 415 21.12 18.84 15.43
C GLY B 415 21.79 17.50 15.15
N SER B 416 21.58 17.02 13.94
CA SER B 416 22.18 15.76 13.51
C SER B 416 22.73 15.91 12.10
N GLN B 417 23.87 15.25 11.83
CA GLN B 417 24.51 15.31 10.53
C GLN B 417 23.66 14.67 9.43
N GLU B 418 22.57 13.99 9.79
CA GLU B 418 21.65 13.41 8.82
C GLU B 418 20.28 13.23 9.46
N PRO B 419 19.49 14.30 9.60
CA PRO B 419 18.23 14.20 10.36
C PRO B 419 17.19 13.32 9.69
N MET B 420 17.20 13.23 8.36
CA MET B 420 16.24 12.40 7.65
C MET B 420 16.44 10.91 7.91
N ALA B 421 17.51 10.53 8.60
CA ALA B 421 17.76 9.14 8.95
C ALA B 421 17.80 8.89 10.46
N THR B 422 17.55 9.93 11.28
CA THR B 422 17.88 9.94 12.70
C THR B 422 16.62 10.15 13.55
N PHE B 423 16.18 9.10 14.26
CA PHE B 423 14.88 9.28 14.89
C PHE B 423 15.01 9.86 16.30
N PRO B 424 14.15 10.83 16.65
CA PRO B 424 14.23 11.46 17.98
C PRO B 424 13.53 10.65 19.08
N VAL B 425 14.23 9.64 19.57
CA VAL B 425 13.73 8.89 20.74
C VAL B 425 13.72 9.81 21.95
N PRO B 426 12.61 9.97 22.66
CA PRO B 426 12.52 11.02 23.70
C PRO B 426 13.04 10.64 25.08
N TYR B 427 13.44 9.40 25.35
CA TYR B 427 14.00 9.04 26.63
C TYR B 427 15.30 8.28 26.43
N ASP B 428 15.95 7.95 27.54
CA ASP B 428 17.33 7.49 27.51
C ASP B 428 17.42 6.00 27.18
N LEU B 429 18.48 5.65 26.44
CA LEU B 429 18.82 4.28 26.08
C LEU B 429 20.25 4.01 26.50
N PRO B 430 20.56 2.80 27.02
CA PRO B 430 19.59 1.74 27.31
C PRO B 430 18.79 2.08 28.57
N PRO B 431 17.60 1.52 28.71
CA PRO B 431 16.82 1.79 29.93
C PRO B 431 17.50 1.16 31.13
N GLU B 432 17.26 1.73 32.30
CA GLU B 432 17.94 1.29 33.52
C GLU B 432 16.97 0.49 34.37
N LEU B 433 17.38 -0.73 34.74
CA LEU B 433 16.55 -1.60 35.55
C LEU B 433 16.27 -0.96 36.91
N TYR B 434 15.08 -1.20 37.44
CA TYR B 434 14.78 -0.85 38.82
C TYR B 434 15.87 -1.40 39.74
N GLY B 435 16.26 -0.60 40.74
CA GLY B 435 17.09 -1.11 41.81
C GLY B 435 16.28 -1.95 42.78
N SER B 436 16.99 -2.65 43.66
CA SER B 436 16.33 -3.63 44.53
C SER B 436 15.36 -2.97 45.50
N LYS B 437 15.59 -1.69 45.83
CA LYS B 437 14.68 -0.95 46.70
C LYS B 437 13.57 -0.25 45.92
N ASP B 438 13.64 -0.23 44.59
CA ASP B 438 12.63 0.47 43.82
C ASP B 438 11.34 -0.35 43.78
N ARG B 439 10.22 0.36 43.65
CA ARG B 439 8.91 -0.24 43.47
C ARG B 439 8.18 0.49 42.36
N PRO B 440 7.33 -0.21 41.61
CA PRO B 440 6.52 0.49 40.62
C PRO B 440 5.60 1.47 41.33
N TRP B 441 5.35 2.60 40.69
CA TRP B 441 4.36 3.51 41.21
C TRP B 441 2.99 2.84 41.20
N ILE B 442 2.33 2.82 42.37
CA ILE B 442 1.00 2.25 42.54
C ILE B 442 0.14 3.36 43.11
N TRP B 443 -0.91 3.74 42.40
CA TRP B 443 -1.49 5.05 42.69
C TRP B 443 -2.42 5.05 43.90
N ASN B 444 -2.97 3.90 44.32
CA ASN B 444 -4.00 3.91 45.33
C ASN B 444 -3.53 3.36 46.68
N ILE B 445 -2.25 3.53 47.00
CA ILE B 445 -1.73 3.24 48.34
C ILE B 445 -1.01 4.49 48.82
N PRO B 446 -0.87 4.66 50.14
CA PRO B 446 -0.23 5.87 50.65
C PRO B 446 1.30 5.82 50.59
N TYR B 447 1.89 7.01 50.45
CA TYR B 447 3.34 7.21 50.53
C TYR B 447 3.53 8.32 51.56
N VAL B 448 3.81 7.93 52.80
CA VAL B 448 3.82 8.87 53.92
C VAL B 448 5.14 8.91 54.65
N LYS B 449 6.17 8.22 54.15
CA LYS B 449 7.45 8.17 54.86
C LYS B 449 8.49 9.12 54.26
N ALA B 450 8.27 9.62 53.05
CA ALA B 450 9.19 10.55 52.41
C ALA B 450 8.41 11.59 51.64
N PRO B 451 8.59 12.88 51.95
CA PRO B 451 7.86 13.92 51.21
C PRO B 451 8.38 14.02 49.79
N ASP B 452 7.52 14.54 48.92
CA ASP B 452 7.83 14.68 47.51
C ASP B 452 8.50 16.03 47.25
N THR B 453 8.60 16.41 45.98
CA THR B 453 9.24 17.66 45.56
C THR B 453 8.68 18.88 46.26
N HIS B 454 7.38 18.88 46.56
CA HIS B 454 6.72 20.03 47.15
C HIS B 454 6.47 19.85 48.65
N GLY B 455 7.18 18.92 49.27
CA GLY B 455 7.07 18.74 50.71
C GLY B 455 5.81 18.02 51.15
N ASN B 456 5.15 17.31 50.24
CA ASN B 456 3.86 16.70 50.47
C ASN B 456 3.93 15.18 50.51
N MET B 457 2.96 14.59 51.19
N MET B 457 2.95 14.60 51.20
CA MET B 457 2.76 13.16 51.18
CA MET B 457 2.73 13.16 51.20
C MET B 457 1.59 12.81 50.26
C MET B 457 1.62 12.82 50.21
N TRP B 458 1.42 11.51 50.00
CA TRP B 458 0.38 11.01 49.12
C TRP B 458 -0.56 10.12 49.91
N VAL B 459 -1.82 10.53 50.02
CA VAL B 459 -2.79 9.75 50.79
C VAL B 459 -4.06 9.63 49.96
N PRO B 460 -4.19 8.60 49.13
CA PRO B 460 -5.45 8.39 48.41
C PRO B 460 -6.54 7.98 49.40
N SER B 461 -7.68 8.66 49.31
CA SER B 461 -8.83 8.41 50.19
C SER B 461 -9.99 9.33 49.85
#